data_3VH0
#
_entry.id   3VH0
#
_cell.length_a   171.172
_cell.length_b   171.172
_cell.length_c   177.215
_cell.angle_alpha   90.00
_cell.angle_beta   90.00
_cell.angle_gamma   90.00
#
_symmetry.space_group_name_H-M   'I 41'
#
loop_
_entity.id
_entity.type
_entity.pdbx_description
1 polymer 'Uncharacterized protein YncE'
2 polymer "DNA (5'-D(*CP*GP*GP*GP*TP*AP*CP*TP*CP*AP*G)-3')"
3 water water
#
loop_
_entity_poly.entity_id
_entity_poly.type
_entity_poly.pdbx_seq_one_letter_code
_entity_poly.pdbx_strand_id
1 'polypeptide(L)'
;MHLRHLFSSRLRGSLLLGSLLVVSSFSTQAAEEMLRKAVGKGAYEMAYSQQENALWLATSQSRKLDKGGVVYRLDPVTLE
VTQAIHNDLKPFGATINNTTQTLWFGNTVNSAVTAIDAKTGEVKGRLVLDDRKRTEEVRPLQPRELVADDATNTVYISGI
GKESVIWVVDGGNIKLKTAIQNTGKMSTGLALDSEGKRLYTTNADGELITIDTADNKILSRKKLLDDGKEHFFINISLDT
ARQRAFITDSKAAEVLVVDTRNGNILAKVAAPESLAVLFNPARNEAYVTHRQAGKVSVIDAKSYKVVKTFDTPTHPNSLA
LSADGKTLYVSVKQKSTKQQEATQPDDVIRIAL
;
A,B,C,D
2 'polydeoxyribonucleotide' (DC)(DG)(DG)(DG)(DT)(DA)(DC)(DT)(DC)(DA)(DG) E,F
#
loop_
_chem_comp.id
_chem_comp.type
_chem_comp.name
_chem_comp.formula
DA DNA linking 2'-DEOXYADENOSINE-5'-MONOPHOSPHATE 'C10 H14 N5 O6 P'
DC DNA linking 2'-DEOXYCYTIDINE-5'-MONOPHOSPHATE 'C9 H14 N3 O7 P'
DG DNA linking 2'-DEOXYGUANOSINE-5'-MONOPHOSPHATE 'C10 H14 N5 O7 P'
DT DNA linking THYMIDINE-5'-MONOPHOSPHATE 'C10 H15 N2 O8 P'
#
# COMPACT_ATOMS: atom_id res chain seq x y z
N GLU A 32 -12.56 -18.12 -39.31
CA GLU A 32 -13.17 -17.42 -38.15
C GLU A 32 -12.20 -17.29 -36.95
N GLU A 33 -11.67 -16.09 -36.75
CA GLU A 33 -10.73 -15.86 -35.66
C GLU A 33 -11.15 -14.73 -34.73
N MET A 34 -10.51 -14.70 -33.57
CA MET A 34 -10.71 -13.67 -32.57
C MET A 34 -9.37 -13.55 -31.90
N LEU A 35 -8.73 -12.39 -32.03
CA LEU A 35 -7.43 -12.15 -31.42
C LEU A 35 -7.57 -11.07 -30.35
N ARG A 36 -7.29 -11.42 -29.11
CA ARG A 36 -7.36 -10.47 -28.01
C ARG A 36 -5.93 -10.16 -27.60
N LYS A 37 -5.55 -8.90 -27.67
CA LYS A 37 -4.19 -8.54 -27.31
C LYS A 37 -4.13 -7.33 -26.38
N ALA A 38 -3.19 -7.38 -25.44
CA ALA A 38 -2.99 -6.30 -24.48
C ALA A 38 -2.34 -5.10 -25.15
N VAL A 39 -2.80 -3.89 -24.80
CA VAL A 39 -2.21 -2.69 -25.36
C VAL A 39 -1.76 -1.71 -24.27
N GLY A 40 -2.71 -1.24 -23.46
CA GLY A 40 -2.34 -0.30 -22.40
C GLY A 40 -3.48 -0.07 -21.41
N LYS A 41 -3.18 0.65 -20.33
CA LYS A 41 -4.20 0.95 -19.32
C LYS A 41 -5.04 2.14 -19.79
N GLY A 42 -6.33 2.10 -19.47
CA GLY A 42 -7.23 3.19 -19.84
C GLY A 42 -7.58 3.27 -21.31
N ALA A 43 -7.91 2.11 -21.91
CA ALA A 43 -8.28 2.06 -23.32
C ALA A 43 -9.65 2.68 -23.51
N TYR A 44 -9.83 3.36 -24.63
CA TYR A 44 -11.09 3.99 -24.94
C TYR A 44 -11.43 3.88 -26.41
N GLU A 45 -11.43 4.98 -27.15
CA GLU A 45 -11.78 4.89 -28.55
C GLU A 45 -10.65 4.68 -29.54
N MET A 46 -11.03 4.23 -30.73
CA MET A 46 -10.10 3.95 -31.82
C MET A 46 -10.49 4.67 -33.10
N ALA A 47 -9.60 4.61 -34.08
CA ALA A 47 -9.82 5.23 -35.38
C ALA A 47 -8.98 4.41 -36.34
N TYR A 48 -9.55 4.09 -37.49
CA TYR A 48 -8.84 3.29 -38.49
C TYR A 48 -8.57 4.16 -39.71
N SER A 49 -7.48 3.87 -40.40
CA SER A 49 -7.09 4.61 -41.60
C SER A 49 -6.64 3.67 -42.71
N GLN A 50 -7.37 3.69 -43.82
CA GLN A 50 -7.04 2.87 -44.98
C GLN A 50 -5.67 3.27 -45.52
N GLN A 51 -5.49 4.57 -45.75
CA GLN A 51 -4.24 5.11 -46.29
C GLN A 51 -3.02 4.66 -45.52
N GLU A 52 -3.05 4.85 -44.20
CA GLU A 52 -1.93 4.46 -43.35
C GLU A 52 -1.92 2.98 -42.99
N ASN A 53 -3.03 2.29 -43.24
CA ASN A 53 -3.18 0.86 -42.91
C ASN A 53 -2.81 0.68 -41.44
N ALA A 54 -3.58 1.36 -40.59
CA ALA A 54 -3.34 1.33 -39.16
C ALA A 54 -4.60 1.62 -38.36
N LEU A 55 -4.54 1.23 -37.10
CA LEU A 55 -5.61 1.44 -36.16
C LEU A 55 -4.94 2.23 -35.05
N TRP A 56 -5.66 3.17 -34.45
CA TRP A 56 -5.11 3.96 -33.36
C TRP A 56 -6.01 3.76 -32.16
N LEU A 57 -5.39 3.64 -30.98
CA LEU A 57 -6.14 3.46 -29.75
C LEU A 57 -5.80 4.57 -28.81
N ALA A 58 -6.83 5.18 -28.22
CA ALA A 58 -6.62 6.24 -27.27
C ALA A 58 -6.63 5.63 -25.88
N THR A 59 -5.61 5.91 -25.08
CA THR A 59 -5.57 5.36 -23.73
C THR A 59 -5.23 6.49 -22.77
N SER A 60 -5.92 6.52 -21.65
CA SER A 60 -5.69 7.56 -20.65
C SER A 60 -4.66 7.11 -19.64
N GLN A 61 -4.16 5.89 -19.85
CA GLN A 61 -3.16 5.28 -18.97
C GLN A 61 -3.64 5.15 -17.52
N SER A 62 -2.71 4.91 -16.60
CA SER A 62 -3.05 4.76 -15.19
C SER A 62 -3.70 6.02 -14.62
N ARG A 63 -4.73 5.85 -13.82
CA ARG A 63 -5.41 6.99 -13.25
C ARG A 63 -4.66 7.77 -12.16
N LYS A 64 -4.09 7.07 -11.19
CA LYS A 64 -3.37 7.73 -10.11
C LYS A 64 -1.85 7.78 -10.33
N LEU A 65 -1.34 6.92 -11.19
CA LEU A 65 0.09 6.84 -11.44
C LEU A 65 0.56 7.66 -12.65
N ASP A 66 -0.31 7.89 -13.62
CA ASP A 66 0.09 8.62 -14.84
C ASP A 66 -0.56 9.98 -15.03
N LYS A 67 0.24 10.93 -15.53
CA LYS A 67 -0.25 12.27 -15.83
C LYS A 67 -0.22 12.30 -17.37
N GLY A 68 -1.31 12.72 -17.99
CA GLY A 68 -1.36 12.72 -19.44
C GLY A 68 -1.64 11.30 -19.91
N GLY A 69 -1.46 11.04 -21.20
CA GLY A 69 -1.76 9.71 -21.70
C GLY A 69 -0.98 9.28 -22.93
N VAL A 70 -1.51 8.28 -23.63
CA VAL A 70 -0.86 7.74 -24.82
C VAL A 70 -1.82 7.30 -25.92
N VAL A 71 -1.52 7.67 -27.15
CA VAL A 71 -2.32 7.25 -28.30
C VAL A 71 -1.42 6.24 -29.00
N TYR A 72 -1.86 5.00 -29.07
CA TYR A 72 -1.09 3.92 -29.69
C TYR A 72 -1.47 3.65 -31.14
N ARG A 73 -0.46 3.46 -31.98
CA ARG A 73 -0.70 3.13 -33.37
C ARG A 73 -0.48 1.62 -33.39
N LEU A 74 -1.50 0.88 -33.81
CA LEU A 74 -1.43 -0.57 -33.82
C LEU A 74 -1.53 -1.15 -35.21
N ASP A 75 -0.87 -2.29 -35.39
CA ASP A 75 -0.91 -2.99 -36.66
C ASP A 75 -2.33 -3.56 -36.79
N PRO A 76 -2.95 -3.40 -37.95
CA PRO A 76 -4.32 -3.92 -38.17
C PRO A 76 -4.47 -5.43 -38.05
N VAL A 77 -3.39 -6.16 -38.26
CA VAL A 77 -3.47 -7.62 -38.18
C VAL A 77 -2.97 -8.22 -36.86
N THR A 78 -1.73 -7.89 -36.50
CA THR A 78 -1.15 -8.44 -35.29
C THR A 78 -1.49 -7.67 -34.01
N LEU A 79 -2.01 -6.46 -34.16
CA LEU A 79 -2.36 -5.61 -33.02
C LEU A 79 -1.14 -5.18 -32.22
N GLU A 80 0.05 -5.38 -32.80
CA GLU A 80 1.30 -4.98 -32.15
C GLU A 80 1.36 -3.46 -32.15
N VAL A 81 1.96 -2.87 -31.13
CA VAL A 81 2.09 -1.43 -31.10
C VAL A 81 3.24 -1.07 -32.03
N THR A 82 2.97 -0.26 -33.04
CA THR A 82 4.01 0.12 -33.99
C THR A 82 4.45 1.55 -33.70
N GLN A 83 3.71 2.23 -32.85
CA GLN A 83 4.06 3.60 -32.46
C GLN A 83 3.27 4.01 -31.22
N ALA A 84 3.95 4.66 -30.29
CA ALA A 84 3.29 5.12 -29.07
C ALA A 84 3.47 6.64 -28.98
N ILE A 85 2.36 7.36 -29.04
CA ILE A 85 2.40 8.82 -28.99
C ILE A 85 2.07 9.33 -27.58
N HIS A 86 3.05 9.97 -26.94
CA HIS A 86 2.84 10.50 -25.61
C HIS A 86 2.16 11.84 -25.69
N ASN A 87 1.14 12.01 -24.86
CA ASN A 87 0.35 13.25 -24.83
C ASN A 87 0.28 13.93 -23.48
N ASP A 88 0.42 15.25 -23.47
CA ASP A 88 0.34 16.00 -22.22
C ASP A 88 -0.99 15.76 -21.59
N LEU A 89 -2.03 15.66 -22.43
CA LEU A 89 -3.40 15.46 -21.94
C LEU A 89 -3.96 14.09 -22.29
N LYS A 90 -4.63 13.48 -21.31
CA LYS A 90 -5.23 12.16 -21.51
C LYS A 90 -6.30 12.20 -22.60
N PRO A 91 -6.17 11.31 -23.60
CA PRO A 91 -7.12 11.21 -24.73
C PRO A 91 -8.14 10.12 -24.45
N PHE A 92 -9.39 10.40 -24.78
CA PHE A 92 -10.47 9.45 -24.57
C PHE A 92 -11.19 9.17 -25.88
N GLY A 93 -12.02 10.10 -26.30
CA GLY A 93 -12.74 9.93 -27.55
C GLY A 93 -11.84 10.17 -28.75
N ALA A 94 -12.12 9.47 -29.85
CA ALA A 94 -11.31 9.60 -31.05
C ALA A 94 -12.15 9.59 -32.32
N THR A 95 -11.55 10.07 -33.41
CA THR A 95 -12.16 10.12 -34.74
C THR A 95 -11.05 10.49 -35.72
N ILE A 96 -11.26 10.21 -37.00
CA ILE A 96 -10.25 10.56 -37.98
C ILE A 96 -10.85 11.26 -39.18
N ASN A 97 -10.08 12.21 -39.71
CA ASN A 97 -10.46 12.97 -40.90
C ASN A 97 -9.63 12.28 -41.98
N ASN A 98 -10.25 11.40 -42.74
CA ASN A 98 -9.57 10.65 -43.80
C ASN A 98 -8.98 11.49 -44.92
N THR A 99 -9.51 12.68 -45.11
CA THR A 99 -9.03 13.55 -46.15
C THR A 99 -7.68 14.15 -45.76
N THR A 100 -7.65 14.78 -44.59
CA THR A 100 -6.45 15.41 -44.08
C THR A 100 -5.58 14.45 -43.26
N GLN A 101 -5.93 13.16 -43.27
CA GLN A 101 -5.21 12.15 -42.48
C GLN A 101 -4.80 12.71 -41.13
N THR A 102 -5.78 13.25 -40.42
CA THR A 102 -5.57 13.85 -39.09
C THR A 102 -6.49 13.19 -38.07
N LEU A 103 -5.92 12.80 -36.93
CA LEU A 103 -6.68 12.17 -35.86
C LEU A 103 -7.09 13.25 -34.87
N TRP A 104 -8.31 13.16 -34.34
CA TRP A 104 -8.79 14.13 -33.36
C TRP A 104 -9.16 13.40 -32.08
N PHE A 105 -8.60 13.84 -30.97
CA PHE A 105 -8.85 13.18 -29.69
C PHE A 105 -9.47 14.11 -28.66
N GLY A 106 -10.53 13.62 -28.02
CA GLY A 106 -11.18 14.41 -27.01
C GLY A 106 -10.48 14.23 -25.67
N ASN A 107 -10.11 15.34 -25.03
CA ASN A 107 -9.45 15.28 -23.74
C ASN A 107 -10.48 15.57 -22.66
N THR A 108 -11.28 14.55 -22.34
CA THR A 108 -12.34 14.66 -21.36
C THR A 108 -12.03 15.40 -20.08
N VAL A 109 -11.01 14.95 -19.36
CA VAL A 109 -10.70 15.58 -18.07
C VAL A 109 -10.00 16.94 -18.14
N ASN A 110 -9.77 17.47 -19.34
CA ASN A 110 -9.13 18.76 -19.49
C ASN A 110 -9.96 19.66 -20.39
N SER A 111 -11.23 19.30 -20.58
CA SER A 111 -12.13 20.06 -21.44
C SER A 111 -11.36 20.65 -22.62
N ALA A 112 -10.81 19.77 -23.45
CA ALA A 112 -10.03 20.21 -24.59
C ALA A 112 -9.99 19.13 -25.67
N VAL A 113 -9.48 19.49 -26.84
CA VAL A 113 -9.40 18.54 -27.95
C VAL A 113 -7.99 18.60 -28.56
N THR A 114 -7.51 17.45 -29.02
CA THR A 114 -6.16 17.34 -29.59
C THR A 114 -6.16 16.88 -31.05
N ALA A 115 -5.25 17.47 -31.82
CA ALA A 115 -5.11 17.12 -33.23
C ALA A 115 -3.75 16.46 -33.39
N ILE A 116 -3.73 15.31 -34.05
CA ILE A 116 -2.49 14.59 -34.26
C ILE A 116 -2.41 14.18 -35.72
N ASP A 117 -1.24 14.34 -36.33
CA ASP A 117 -1.07 13.95 -37.72
C ASP A 117 -0.88 12.43 -37.76
N ALA A 118 -1.80 11.74 -38.41
CA ALA A 118 -1.75 10.29 -38.52
C ALA A 118 -0.50 9.77 -39.22
N LYS A 119 -0.04 10.50 -40.21
CA LYS A 119 1.13 10.07 -40.97
C LYS A 119 2.38 9.98 -40.11
N THR A 120 2.66 11.05 -39.37
CA THR A 120 3.85 11.12 -38.53
C THR A 120 3.67 10.87 -37.03
N GLY A 121 2.46 11.06 -36.53
CA GLY A 121 2.21 10.86 -35.12
C GLY A 121 2.56 12.09 -34.31
N GLU A 122 2.58 13.24 -34.98
CA GLU A 122 2.93 14.48 -34.28
C GLU A 122 1.70 15.19 -33.75
N VAL A 123 1.84 15.73 -32.56
CA VAL A 123 0.75 16.46 -31.96
C VAL A 123 0.72 17.82 -32.65
N LYS A 124 -0.30 18.08 -33.46
CA LYS A 124 -0.42 19.37 -34.19
C LYS A 124 -0.71 20.50 -33.24
N GLY A 125 -1.55 20.25 -32.25
CA GLY A 125 -1.89 21.27 -31.28
C GLY A 125 -3.15 20.90 -30.54
N ARG A 126 -3.54 21.74 -29.58
CA ARG A 126 -4.74 21.52 -28.80
C ARG A 126 -5.53 22.81 -28.70
N LEU A 127 -6.79 22.67 -28.32
CA LEU A 127 -7.70 23.80 -28.17
C LEU A 127 -8.58 23.55 -26.95
N VAL A 128 -8.50 24.40 -25.94
CA VAL A 128 -9.33 24.22 -24.75
C VAL A 128 -10.76 24.63 -25.09
N LEU A 129 -11.72 23.75 -24.77
CA LEU A 129 -13.11 24.01 -25.08
C LEU A 129 -13.90 24.59 -23.91
N ASP A 130 -13.23 24.77 -22.78
CA ASP A 130 -13.88 25.31 -21.58
C ASP A 130 -12.81 25.48 -20.50
N ASP A 131 -12.31 26.70 -20.36
CA ASP A 131 -11.28 26.97 -19.38
C ASP A 131 -11.75 27.22 -17.95
N ARG A 132 -13.05 27.31 -17.74
CA ARG A 132 -13.57 27.53 -16.40
C ARG A 132 -12.95 26.54 -15.43
N LYS A 133 -12.81 26.93 -14.17
CA LYS A 133 -12.23 26.05 -13.15
C LYS A 133 -13.30 25.33 -12.34
N ARG A 134 -13.12 24.03 -12.14
CA ARG A 134 -14.07 23.25 -11.36
C ARG A 134 -14.24 23.77 -9.94
N THR A 135 -15.46 24.16 -9.59
CA THR A 135 -15.76 24.67 -8.26
C THR A 135 -17.02 23.92 -7.78
N GLU A 136 -17.61 24.40 -6.70
CA GLU A 136 -18.81 23.76 -6.19
C GLU A 136 -20.03 24.24 -6.96
N GLU A 137 -19.85 25.27 -7.79
CA GLU A 137 -20.96 25.80 -8.57
C GLU A 137 -20.70 25.76 -10.07
N VAL A 138 -19.59 25.13 -10.47
CA VAL A 138 -19.30 25.07 -11.89
C VAL A 138 -18.64 23.76 -12.35
N ARG A 139 -19.26 23.14 -13.35
CA ARG A 139 -18.79 21.90 -13.96
C ARG A 139 -18.40 22.25 -15.38
N PRO A 140 -17.11 22.47 -15.64
CA PRO A 140 -16.78 22.81 -17.03
C PRO A 140 -17.23 21.66 -17.92
N LEU A 141 -17.81 21.97 -19.06
CA LEU A 141 -18.26 20.93 -20.00
C LEU A 141 -17.07 20.10 -20.44
N GLN A 142 -17.31 18.82 -20.70
CA GLN A 142 -16.24 17.92 -21.11
C GLN A 142 -16.59 17.29 -22.45
N PRO A 143 -15.59 17.17 -23.33
CA PRO A 143 -15.86 16.57 -24.63
C PRO A 143 -16.12 15.09 -24.44
N ARG A 144 -17.01 14.54 -25.26
CA ARG A 144 -17.34 13.11 -25.18
C ARG A 144 -17.08 12.44 -26.52
N GLU A 145 -17.90 12.74 -27.52
CA GLU A 145 -17.72 12.14 -28.83
C GLU A 145 -17.22 13.14 -29.86
N LEU A 146 -16.57 12.64 -30.90
CA LEU A 146 -16.05 13.49 -31.97
C LEU A 146 -16.34 12.89 -33.34
N VAL A 147 -16.66 13.76 -34.29
CA VAL A 147 -16.94 13.36 -35.67
C VAL A 147 -16.35 14.42 -36.58
N ALA A 148 -15.67 13.99 -37.63
CA ALA A 148 -15.06 14.93 -38.55
C ALA A 148 -15.73 14.89 -39.91
N ASP A 149 -16.04 16.07 -40.44
CA ASP A 149 -16.65 16.15 -41.76
C ASP A 149 -15.50 16.32 -42.75
N ASP A 150 -15.14 15.24 -43.44
CA ASP A 150 -14.03 15.27 -44.39
C ASP A 150 -14.18 16.36 -45.45
N ALA A 151 -15.40 16.55 -45.94
CA ALA A 151 -15.67 17.54 -46.98
C ALA A 151 -15.35 18.97 -46.61
N THR A 152 -15.65 19.36 -45.38
CA THR A 152 -15.40 20.74 -44.97
C THR A 152 -14.34 20.88 -43.88
N ASN A 153 -13.63 19.79 -43.59
CA ASN A 153 -12.60 19.76 -42.55
C ASN A 153 -13.06 20.46 -41.26
N THR A 154 -14.19 19.98 -40.73
CA THR A 154 -14.78 20.51 -39.51
C THR A 154 -14.84 19.37 -38.49
N VAL A 155 -14.65 19.70 -37.22
CA VAL A 155 -14.70 18.69 -36.18
C VAL A 155 -15.85 19.01 -35.23
N TYR A 156 -16.79 18.08 -35.09
CA TYR A 156 -17.92 18.28 -34.20
C TYR A 156 -17.64 17.53 -32.90
N ILE A 157 -17.75 18.25 -31.78
CA ILE A 157 -17.47 17.68 -30.46
C ILE A 157 -18.60 17.91 -29.47
N SER A 158 -19.14 16.83 -28.90
CA SER A 158 -20.22 16.96 -27.93
C SER A 158 -19.66 17.32 -26.56
N GLY A 159 -20.08 18.46 -26.01
CA GLY A 159 -19.61 18.87 -24.70
C GLY A 159 -20.71 18.60 -23.70
N ILE A 160 -20.50 17.63 -22.84
CA ILE A 160 -21.51 17.23 -21.89
C ILE A 160 -21.54 17.92 -20.54
N GLY A 161 -22.73 17.89 -19.94
CA GLY A 161 -22.97 18.49 -18.64
C GLY A 161 -24.47 18.56 -18.38
N LYS A 162 -24.88 19.32 -17.36
CA LYS A 162 -26.29 19.46 -17.03
C LYS A 162 -27.00 19.99 -18.28
N GLU A 163 -26.35 20.94 -18.95
CA GLU A 163 -26.88 21.49 -20.19
C GLU A 163 -25.73 21.47 -21.18
N SER A 164 -25.72 20.41 -21.99
CA SER A 164 -24.70 20.13 -22.99
C SER A 164 -24.67 21.12 -24.16
N VAL A 165 -23.66 20.94 -25.02
CA VAL A 165 -23.50 21.77 -26.21
C VAL A 165 -22.76 20.94 -27.24
N ILE A 166 -22.48 21.52 -28.40
CA ILE A 166 -21.75 20.81 -29.44
C ILE A 166 -20.76 21.78 -30.06
N TRP A 167 -19.51 21.74 -29.62
CA TRP A 167 -18.50 22.64 -30.16
C TRP A 167 -18.20 22.31 -31.61
N VAL A 168 -18.21 23.36 -32.43
CA VAL A 168 -17.91 23.18 -33.85
C VAL A 168 -16.53 23.76 -34.04
N VAL A 169 -15.54 22.89 -34.16
CA VAL A 169 -14.17 23.31 -34.32
C VAL A 169 -13.67 23.27 -35.75
N ASP A 170 -12.79 24.22 -36.08
CA ASP A 170 -12.23 24.30 -37.42
C ASP A 170 -10.95 23.48 -37.50
N GLY A 171 -11.03 22.36 -38.21
CA GLY A 171 -9.87 21.48 -38.33
C GLY A 171 -8.70 22.11 -39.05
N GLY A 172 -8.86 23.33 -39.51
CA GLY A 172 -7.78 23.98 -40.23
C GLY A 172 -6.79 24.65 -39.30
N ASN A 173 -7.30 25.47 -38.40
CA ASN A 173 -6.44 26.19 -37.46
C ASN A 173 -6.60 25.71 -36.02
N ILE A 174 -7.51 24.77 -35.78
CA ILE A 174 -7.77 24.22 -34.45
C ILE A 174 -8.40 25.28 -33.53
N LYS A 175 -9.11 26.22 -34.11
CA LYS A 175 -9.78 27.27 -33.34
C LYS A 175 -11.27 26.99 -33.39
N LEU A 176 -12.00 27.46 -32.39
CA LEU A 176 -13.44 27.24 -32.32
C LEU A 176 -14.21 28.14 -33.27
N LYS A 177 -15.25 27.61 -33.91
CA LYS A 177 -16.06 28.40 -34.81
C LYS A 177 -17.29 28.88 -34.03
N THR A 178 -17.96 27.95 -33.34
CA THR A 178 -19.14 28.29 -32.54
C THR A 178 -19.55 27.11 -31.66
N ALA A 179 -20.51 27.34 -30.79
CA ALA A 179 -20.98 26.30 -29.90
C ALA A 179 -22.49 26.16 -29.99
N ILE A 180 -22.94 25.15 -30.74
CA ILE A 180 -24.37 24.92 -30.87
C ILE A 180 -24.90 24.69 -29.46
N GLN A 181 -25.74 25.60 -29.00
CA GLN A 181 -26.29 25.54 -27.66
C GLN A 181 -27.50 24.63 -27.46
N ASN A 182 -27.88 24.48 -26.19
CA ASN A 182 -29.03 23.71 -25.74
C ASN A 182 -29.30 22.32 -26.31
N THR A 183 -28.31 21.43 -26.27
CA THR A 183 -28.53 20.10 -26.81
C THR A 183 -29.19 19.22 -25.76
N GLY A 184 -29.23 19.70 -24.52
CA GLY A 184 -29.89 18.94 -23.47
C GLY A 184 -29.01 18.42 -22.34
N LYS A 185 -29.56 17.49 -21.57
CA LYS A 185 -28.82 16.90 -20.46
C LYS A 185 -28.01 15.71 -20.96
N MET A 186 -26.70 15.73 -20.68
CA MET A 186 -25.80 14.66 -21.09
C MET A 186 -26.01 14.24 -22.55
N SER A 187 -25.86 15.21 -23.46
CA SER A 187 -26.02 14.96 -24.89
C SER A 187 -24.74 14.34 -25.43
N THR A 188 -24.42 13.14 -24.96
CA THR A 188 -23.21 12.42 -25.36
C THR A 188 -23.10 11.97 -26.81
N GLY A 189 -24.16 11.40 -27.37
CA GLY A 189 -24.12 10.90 -28.75
C GLY A 189 -23.89 11.91 -29.85
N LEU A 190 -23.21 11.47 -30.92
CA LEU A 190 -22.92 12.35 -32.03
C LEU A 190 -22.60 11.59 -33.31
N ALA A 191 -23.38 11.84 -34.37
CA ALA A 191 -23.17 11.18 -35.67
C ALA A 191 -23.25 12.22 -36.77
N LEU A 192 -22.65 11.92 -37.93
CA LEU A 192 -22.68 12.90 -39.01
C LEU A 192 -22.96 12.37 -40.40
N ASP A 193 -23.80 13.08 -41.13
CA ASP A 193 -24.11 12.75 -42.52
C ASP A 193 -23.46 13.93 -43.22
N SER A 194 -22.22 13.76 -43.65
CA SER A 194 -21.51 14.83 -44.31
C SER A 194 -22.19 15.33 -45.57
N GLU A 195 -22.62 14.39 -46.40
CA GLU A 195 -23.27 14.77 -47.64
C GLU A 195 -24.60 15.47 -47.41
N GLY A 196 -25.43 14.89 -46.53
CA GLY A 196 -26.72 15.51 -46.26
C GLY A 196 -26.64 16.69 -45.30
N LYS A 197 -25.43 17.14 -45.01
CA LYS A 197 -25.23 18.26 -44.08
C LYS A 197 -26.10 18.18 -42.81
N ARG A 198 -26.27 16.96 -42.29
CA ARG A 198 -27.05 16.72 -41.08
C ARG A 198 -26.15 16.14 -39.98
N LEU A 199 -26.24 16.75 -38.80
CA LEU A 199 -25.47 16.33 -37.63
C LEU A 199 -26.44 15.94 -36.55
N TYR A 200 -26.43 14.68 -36.15
CA TYR A 200 -27.34 14.22 -35.09
C TYR A 200 -26.65 14.10 -33.73
N THR A 201 -27.45 14.10 -32.68
CA THR A 201 -26.93 13.95 -31.32
C THR A 201 -28.08 13.42 -30.44
N THR A 202 -27.74 12.54 -29.51
CA THR A 202 -28.75 11.95 -28.62
C THR A 202 -28.41 12.33 -27.19
N ASN A 203 -29.39 12.31 -26.28
CA ASN A 203 -29.07 12.70 -24.92
C ASN A 203 -29.76 11.92 -23.82
N ALA A 204 -29.61 12.41 -22.60
CA ALA A 204 -30.19 11.78 -21.41
C ALA A 204 -31.61 12.24 -21.14
N ASP A 205 -32.17 13.02 -22.06
CA ASP A 205 -33.55 13.48 -21.94
C ASP A 205 -34.40 12.64 -22.87
N GLY A 206 -33.82 11.57 -23.40
CA GLY A 206 -34.53 10.69 -24.32
C GLY A 206 -34.79 11.34 -25.67
N GLU A 207 -34.02 12.38 -26.00
CA GLU A 207 -34.17 13.11 -27.26
C GLU A 207 -33.17 12.75 -28.36
N LEU A 208 -33.60 12.96 -29.61
CA LEU A 208 -32.76 12.77 -30.78
C LEU A 208 -32.82 14.16 -31.38
N ILE A 209 -31.66 14.76 -31.63
CA ILE A 209 -31.62 16.11 -32.15
C ILE A 209 -30.94 16.18 -33.51
N THR A 210 -31.67 16.71 -34.50
CA THR A 210 -31.16 16.85 -35.86
C THR A 210 -30.64 18.27 -36.05
N ILE A 211 -29.48 18.40 -36.69
CA ILE A 211 -28.87 19.70 -36.89
C ILE A 211 -28.35 19.96 -38.30
N ASP A 212 -28.69 21.11 -38.86
CA ASP A 212 -28.23 21.48 -40.20
C ASP A 212 -26.80 21.96 -40.04
N THR A 213 -25.87 21.30 -40.71
CA THR A 213 -24.48 21.70 -40.58
C THR A 213 -24.17 22.97 -41.34
N ALA A 214 -25.09 23.36 -42.22
CA ALA A 214 -24.92 24.56 -43.04
C ALA A 214 -25.01 25.86 -42.24
N ASP A 215 -25.82 25.85 -41.18
CA ASP A 215 -25.97 27.03 -40.35
C ASP A 215 -25.84 26.69 -38.87
N ASN A 216 -25.45 25.46 -38.58
CA ASN A 216 -25.28 25.00 -37.20
C ASN A 216 -26.50 25.30 -36.35
N LYS A 217 -27.68 25.07 -36.90
CA LYS A 217 -28.91 25.34 -36.16
C LYS A 217 -29.72 24.06 -35.99
N ILE A 218 -30.30 23.89 -34.82
CA ILE A 218 -31.11 22.71 -34.57
C ILE A 218 -32.38 22.76 -35.41
N LEU A 219 -32.61 21.71 -36.20
CA LEU A 219 -33.79 21.64 -37.04
C LEU A 219 -34.96 21.00 -36.33
N SER A 220 -34.66 20.14 -35.35
CA SER A 220 -35.73 19.47 -34.62
C SER A 220 -35.20 18.57 -33.52
N ARG A 221 -36.11 18.12 -32.68
CA ARG A 221 -35.76 17.22 -31.60
C ARG A 221 -37.02 16.48 -31.19
N LYS A 222 -36.96 15.16 -31.13
CA LYS A 222 -38.10 14.34 -30.76
C LYS A 222 -37.77 13.39 -29.64
N LYS A 223 -38.73 13.16 -28.75
CA LYS A 223 -38.52 12.23 -27.66
C LYS A 223 -38.86 10.88 -28.28
N LEU A 224 -37.84 10.11 -28.62
CA LEU A 224 -38.02 8.82 -29.27
C LEU A 224 -39.07 7.90 -28.67
N LEU A 225 -38.90 7.54 -27.40
CA LEU A 225 -39.86 6.68 -26.72
C LEU A 225 -40.69 7.52 -25.76
N ASP A 226 -41.84 7.00 -25.34
CA ASP A 226 -42.72 7.71 -24.41
C ASP A 226 -43.40 6.76 -23.46
N ASP A 227 -42.63 5.87 -22.85
CA ASP A 227 -43.17 4.90 -21.91
C ASP A 227 -42.90 5.33 -20.48
N GLY A 228 -42.76 6.64 -20.27
CA GLY A 228 -42.51 7.17 -18.94
C GLY A 228 -41.19 6.75 -18.32
N LYS A 229 -40.60 5.68 -18.84
CA LYS A 229 -39.32 5.16 -18.33
C LYS A 229 -38.14 6.06 -18.65
N GLU A 230 -37.08 5.94 -17.86
CA GLU A 230 -35.87 6.74 -18.07
C GLU A 230 -35.02 6.15 -19.18
N HIS A 231 -34.62 7.00 -20.12
CA HIS A 231 -33.80 6.57 -21.23
C HIS A 231 -32.60 7.49 -21.41
N PHE A 232 -31.44 6.88 -21.62
CA PHE A 232 -30.20 7.62 -21.84
C PHE A 232 -29.64 7.10 -23.17
N PHE A 233 -29.84 7.87 -24.24
CA PHE A 233 -29.34 7.46 -25.55
C PHE A 233 -27.90 7.91 -25.70
N ILE A 234 -27.00 7.10 -25.14
CA ILE A 234 -25.55 7.34 -25.11
C ILE A 234 -24.89 7.54 -26.47
N ASN A 235 -25.18 6.67 -27.43
CA ASN A 235 -24.57 6.77 -28.76
C ASN A 235 -25.48 6.53 -29.95
N ILE A 236 -25.03 7.03 -31.11
CA ILE A 236 -25.78 6.93 -32.35
C ILE A 236 -24.86 6.76 -33.54
N SER A 237 -25.13 5.73 -34.35
CA SER A 237 -24.35 5.46 -35.55
C SER A 237 -25.34 5.53 -36.71
N LEU A 238 -24.91 6.04 -37.86
CA LEU A 238 -25.80 6.17 -39.01
C LEU A 238 -25.57 5.22 -40.17
N ASP A 239 -26.64 5.07 -40.96
CA ASP A 239 -26.69 4.28 -42.19
C ASP A 239 -27.33 5.28 -43.16
N THR A 240 -26.56 6.31 -43.54
CA THR A 240 -27.08 7.34 -44.44
C THR A 240 -27.79 6.77 -45.68
N ALA A 241 -27.29 5.64 -46.17
CA ALA A 241 -27.87 4.98 -47.34
C ALA A 241 -29.37 4.75 -47.23
N ARG A 242 -29.85 4.46 -46.03
CA ARG A 242 -31.27 4.22 -45.85
C ARG A 242 -31.86 5.22 -44.86
N GLN A 243 -31.08 6.26 -44.56
CA GLN A 243 -31.51 7.28 -43.62
C GLN A 243 -32.00 6.66 -42.32
N ARG A 244 -31.21 5.73 -41.81
CA ARG A 244 -31.49 5.06 -40.54
C ARG A 244 -30.44 5.48 -39.52
N ALA A 245 -30.77 5.33 -38.25
CA ALA A 245 -29.83 5.68 -37.17
C ALA A 245 -29.96 4.62 -36.10
N PHE A 246 -28.83 4.04 -35.71
CA PHE A 246 -28.85 3.03 -34.66
C PHE A 246 -28.47 3.75 -33.37
N ILE A 247 -29.38 3.74 -32.43
CA ILE A 247 -29.18 4.43 -31.17
C ILE A 247 -29.20 3.47 -29.99
N THR A 248 -28.19 3.58 -29.13
CA THR A 248 -28.09 2.72 -27.96
C THR A 248 -28.80 3.33 -26.75
N ASP A 249 -29.10 2.48 -25.77
CA ASP A 249 -29.76 2.92 -24.56
C ASP A 249 -29.03 2.32 -23.37
N SER A 250 -28.63 3.16 -22.41
CA SER A 250 -27.93 2.64 -21.25
C SER A 250 -28.87 2.32 -20.08
N LYS A 251 -30.15 2.63 -20.25
CA LYS A 251 -31.16 2.40 -19.21
C LYS A 251 -32.25 1.43 -19.66
N ALA A 252 -32.10 0.85 -20.84
CA ALA A 252 -33.10 -0.08 -21.36
C ALA A 252 -32.42 -1.25 -22.05
N ALA A 253 -33.08 -2.41 -22.10
CA ALA A 253 -32.48 -3.55 -22.76
C ALA A 253 -32.89 -3.62 -24.21
N GLU A 254 -32.80 -2.49 -24.91
CA GLU A 254 -33.14 -2.48 -26.31
C GLU A 254 -32.51 -1.33 -27.07
N VAL A 255 -31.86 -1.69 -28.18
CA VAL A 255 -31.21 -0.75 -29.08
C VAL A 255 -32.30 -0.25 -30.04
N LEU A 256 -32.37 1.04 -30.27
CA LEU A 256 -33.38 1.55 -31.17
C LEU A 256 -32.82 1.81 -32.55
N VAL A 257 -33.68 1.64 -33.56
CA VAL A 257 -33.32 1.91 -34.95
C VAL A 257 -34.31 2.99 -35.33
N VAL A 258 -33.81 4.15 -35.74
CA VAL A 258 -34.67 5.27 -36.08
C VAL A 258 -34.55 5.75 -37.52
N ASP A 259 -35.62 6.39 -38.00
CA ASP A 259 -35.69 6.96 -39.35
C ASP A 259 -35.16 8.39 -39.19
N THR A 260 -34.01 8.68 -39.80
CA THR A 260 -33.41 10.01 -39.67
C THR A 260 -34.27 11.16 -40.19
N ARG A 261 -35.32 10.82 -40.93
CA ARG A 261 -36.22 11.81 -41.50
C ARG A 261 -37.35 12.29 -40.58
N ASN A 262 -37.95 11.39 -39.81
CA ASN A 262 -39.06 11.74 -38.93
C ASN A 262 -38.99 11.20 -37.50
N GLY A 263 -37.87 10.58 -37.14
CA GLY A 263 -37.73 10.04 -35.80
C GLY A 263 -38.68 8.92 -35.43
N ASN A 264 -39.23 8.24 -36.44
CA ASN A 264 -40.13 7.13 -36.15
C ASN A 264 -39.30 5.92 -35.76
N ILE A 265 -39.78 5.16 -34.80
CA ILE A 265 -39.09 3.96 -34.38
C ILE A 265 -39.25 2.94 -35.51
N LEU A 266 -38.14 2.47 -36.06
CA LEU A 266 -38.17 1.49 -37.14
C LEU A 266 -38.02 0.08 -36.57
N ALA A 267 -37.50 0.00 -35.34
CA ALA A 267 -37.32 -1.29 -34.68
C ALA A 267 -36.74 -1.12 -33.28
N LYS A 268 -37.00 -2.10 -32.42
CA LYS A 268 -36.48 -2.09 -31.06
C LYS A 268 -35.85 -3.46 -30.88
N VAL A 269 -34.52 -3.53 -30.99
CA VAL A 269 -33.85 -4.80 -30.84
C VAL A 269 -33.56 -5.19 -29.39
N ALA A 270 -33.93 -6.41 -29.03
CA ALA A 270 -33.69 -6.88 -27.68
C ALA A 270 -32.20 -7.18 -27.47
N ALA A 271 -31.61 -6.52 -26.48
CA ALA A 271 -30.21 -6.73 -26.16
C ALA A 271 -29.93 -6.12 -24.79
N PRO A 272 -28.78 -6.46 -24.19
CA PRO A 272 -28.52 -5.87 -22.87
C PRO A 272 -28.42 -4.35 -22.98
N GLU A 273 -28.36 -3.65 -21.85
CA GLU A 273 -28.22 -2.20 -21.89
C GLU A 273 -26.98 -1.92 -22.74
N SER A 274 -27.11 -1.01 -23.71
CA SER A 274 -26.02 -0.70 -24.62
C SER A 274 -25.17 0.53 -24.32
N LEU A 275 -24.01 0.58 -24.98
CA LEU A 275 -23.08 1.68 -24.83
C LEU A 275 -22.66 2.23 -26.19
N ALA A 276 -21.71 1.56 -26.83
CA ALA A 276 -21.23 1.99 -28.13
C ALA A 276 -21.96 1.25 -29.25
N VAL A 277 -22.06 1.89 -30.41
CA VAL A 277 -22.72 1.24 -31.54
C VAL A 277 -22.09 1.68 -32.85
N LEU A 278 -21.88 0.74 -33.77
CA LEU A 278 -21.28 1.09 -35.05
C LEU A 278 -21.94 0.35 -36.21
N PHE A 279 -22.47 1.10 -37.17
CA PHE A 279 -23.12 0.50 -38.33
C PHE A 279 -22.11 0.14 -39.41
N ASN A 280 -22.30 -1.02 -40.02
CA ASN A 280 -21.38 -1.48 -41.05
C ASN A 280 -22.02 -1.66 -42.45
N PRO A 281 -21.99 -0.58 -43.28
CA PRO A 281 -22.55 -0.59 -44.64
C PRO A 281 -22.23 -1.87 -45.41
N ALA A 282 -20.95 -2.25 -45.40
CA ALA A 282 -20.49 -3.45 -46.10
C ALA A 282 -21.25 -4.73 -45.77
N ARG A 283 -21.74 -4.90 -44.55
CA ARG A 283 -22.46 -6.12 -44.20
C ARG A 283 -23.88 -5.84 -43.71
N ASN A 284 -24.31 -4.60 -43.86
CA ASN A 284 -25.61 -4.17 -43.40
C ASN A 284 -25.96 -4.76 -42.04
N GLU A 285 -25.11 -4.50 -41.06
CA GLU A 285 -25.31 -4.95 -39.70
C GLU A 285 -24.66 -3.95 -38.76
N ALA A 286 -25.07 -3.97 -37.50
CA ALA A 286 -24.51 -3.03 -36.54
C ALA A 286 -23.95 -3.78 -35.32
N TYR A 287 -22.86 -3.26 -34.79
CA TYR A 287 -22.24 -3.88 -33.63
C TYR A 287 -22.57 -2.97 -32.44
N VAL A 288 -22.79 -3.59 -31.28
CA VAL A 288 -23.12 -2.83 -30.09
C VAL A 288 -22.36 -3.40 -28.90
N THR A 289 -21.86 -2.52 -28.05
CA THR A 289 -21.11 -2.97 -26.87
C THR A 289 -22.01 -2.91 -25.66
N HIS A 290 -21.98 -3.96 -24.86
CA HIS A 290 -22.77 -4.05 -23.64
C HIS A 290 -21.81 -4.13 -22.48
N ARG A 291 -21.50 -2.96 -21.93
CA ARG A 291 -20.54 -2.84 -20.84
C ARG A 291 -20.64 -3.80 -19.67
N GLN A 292 -21.73 -3.76 -18.91
CA GLN A 292 -21.82 -4.70 -17.78
C GLN A 292 -21.88 -6.11 -18.30
N ALA A 293 -22.71 -6.31 -19.32
CA ALA A 293 -22.88 -7.63 -19.90
C ALA A 293 -21.58 -8.29 -20.39
N GLY A 294 -20.59 -7.48 -20.74
CA GLY A 294 -19.32 -8.02 -21.22
C GLY A 294 -19.54 -8.77 -22.52
N LYS A 295 -20.42 -8.20 -23.35
CA LYS A 295 -20.79 -8.77 -24.64
C LYS A 295 -20.80 -7.73 -25.76
N VAL A 296 -20.69 -8.20 -26.99
CA VAL A 296 -20.77 -7.34 -28.15
C VAL A 296 -21.83 -7.99 -29.02
N SER A 297 -22.86 -7.22 -29.35
CA SER A 297 -23.97 -7.74 -30.14
C SER A 297 -23.87 -7.42 -31.61
N VAL A 298 -24.21 -8.41 -32.42
CA VAL A 298 -24.21 -8.25 -33.87
C VAL A 298 -25.67 -8.15 -34.27
N ILE A 299 -26.10 -6.99 -34.71
CA ILE A 299 -27.48 -6.83 -35.13
C ILE A 299 -27.53 -6.87 -36.65
N ASP A 300 -28.37 -7.75 -37.16
CA ASP A 300 -28.58 -7.92 -38.60
C ASP A 300 -29.49 -6.76 -39.02
N ALA A 301 -28.95 -5.78 -39.74
CA ALA A 301 -29.74 -4.63 -40.15
C ALA A 301 -30.81 -4.90 -41.21
N LYS A 302 -30.98 -6.15 -41.60
CA LYS A 302 -32.01 -6.47 -42.58
C LYS A 302 -33.21 -7.03 -41.83
N SER A 303 -32.95 -7.90 -40.85
CA SER A 303 -34.01 -8.51 -40.05
C SER A 303 -34.23 -7.86 -38.69
N TYR A 304 -33.30 -6.97 -38.32
CA TYR A 304 -33.31 -6.28 -37.03
C TYR A 304 -33.28 -7.27 -35.89
N LYS A 305 -32.48 -8.31 -36.07
CA LYS A 305 -32.35 -9.36 -35.07
C LYS A 305 -30.88 -9.61 -34.68
N VAL A 306 -30.64 -9.82 -33.39
CA VAL A 306 -29.30 -10.13 -32.92
C VAL A 306 -28.96 -11.53 -33.44
N VAL A 307 -28.14 -11.62 -34.48
CA VAL A 307 -27.76 -12.89 -35.07
C VAL A 307 -26.51 -13.53 -34.46
N LYS A 308 -25.83 -12.80 -33.58
CA LYS A 308 -24.64 -13.33 -32.92
C LYS A 308 -24.17 -12.40 -31.82
N THR A 309 -23.64 -12.99 -30.76
CA THR A 309 -23.12 -12.26 -29.62
C THR A 309 -21.69 -12.69 -29.28
N PHE A 310 -20.75 -11.77 -29.41
CA PHE A 310 -19.35 -12.05 -29.10
C PHE A 310 -19.15 -11.86 -27.60
N ASP A 311 -18.61 -12.87 -26.94
CA ASP A 311 -18.36 -12.77 -25.51
C ASP A 311 -17.05 -12.00 -25.30
N THR A 312 -17.13 -10.82 -24.69
CA THR A 312 -15.95 -9.99 -24.50
C THR A 312 -15.84 -9.31 -23.14
N PRO A 313 -15.51 -10.07 -22.09
CA PRO A 313 -15.38 -9.50 -20.74
C PRO A 313 -13.98 -8.86 -20.60
N THR A 314 -13.81 -7.98 -19.62
CA THR A 314 -14.84 -7.60 -18.68
C THR A 314 -15.80 -6.54 -19.19
N HIS A 315 -15.25 -5.40 -19.58
CA HIS A 315 -16.08 -4.30 -20.04
C HIS A 315 -15.76 -3.80 -21.44
N PRO A 316 -16.47 -4.30 -22.45
CA PRO A 316 -16.19 -3.82 -23.81
C PRO A 316 -16.49 -2.33 -23.81
N ASN A 317 -15.68 -1.56 -24.52
CA ASN A 317 -15.86 -0.12 -24.54
C ASN A 317 -16.26 0.47 -25.89
N SER A 318 -15.33 0.59 -26.82
CA SER A 318 -15.61 1.17 -28.13
C SER A 318 -15.43 0.21 -29.29
N LEU A 319 -15.85 0.64 -30.47
CA LEU A 319 -15.76 -0.15 -31.70
C LEU A 319 -15.03 0.57 -32.82
N ALA A 320 -14.52 -0.19 -33.77
CA ALA A 320 -13.81 0.38 -34.92
C ALA A 320 -13.88 -0.65 -36.02
N LEU A 321 -14.00 -0.19 -37.26
CA LEU A 321 -14.07 -1.07 -38.41
C LEU A 321 -12.97 -0.82 -39.41
N SER A 322 -12.48 -1.90 -40.00
CA SER A 322 -11.46 -1.79 -41.03
C SER A 322 -12.17 -1.21 -42.25
N ALA A 323 -11.47 -0.41 -43.05
CA ALA A 323 -12.07 0.22 -44.24
C ALA A 323 -12.98 -0.68 -45.08
N ASP A 324 -12.68 -1.97 -45.17
CA ASP A 324 -13.50 -2.86 -45.96
C ASP A 324 -14.61 -3.53 -45.16
N GLY A 325 -14.79 -3.10 -43.92
CA GLY A 325 -15.84 -3.65 -43.07
C GLY A 325 -15.76 -5.16 -42.87
N LYS A 326 -14.58 -5.74 -43.06
CA LYS A 326 -14.39 -7.17 -42.89
C LYS A 326 -13.88 -7.49 -41.50
N THR A 327 -13.26 -6.50 -40.87
CA THR A 327 -12.69 -6.67 -39.54
C THR A 327 -13.25 -5.71 -38.52
N LEU A 328 -13.64 -6.26 -37.37
CA LEU A 328 -14.19 -5.45 -36.29
C LEU A 328 -13.14 -5.36 -35.17
N TYR A 329 -13.00 -4.19 -34.57
CA TYR A 329 -12.04 -3.99 -33.48
C TYR A 329 -12.79 -3.50 -32.26
N VAL A 330 -12.57 -4.16 -31.13
CA VAL A 330 -13.24 -3.79 -29.88
C VAL A 330 -12.22 -3.48 -28.80
N SER A 331 -12.39 -2.38 -28.07
CA SER A 331 -11.47 -2.10 -26.98
C SER A 331 -12.17 -2.69 -25.75
N VAL A 332 -11.39 -3.36 -24.89
CA VAL A 332 -11.97 -3.99 -23.72
C VAL A 332 -11.26 -3.61 -22.43
N LYS A 333 -12.01 -2.98 -21.53
CA LYS A 333 -11.47 -2.51 -20.26
C LYS A 333 -11.59 -3.56 -19.14
N GLN A 334 -10.56 -3.59 -18.30
CA GLN A 334 -10.48 -4.48 -17.14
C GLN A 334 -11.39 -3.94 -16.05
N LYS A 335 -11.87 -4.81 -15.18
CA LYS A 335 -12.70 -4.34 -14.08
C LYS A 335 -11.76 -3.40 -13.35
N SER A 336 -12.23 -2.21 -12.99
CA SER A 336 -11.33 -1.28 -12.31
C SER A 336 -12.04 -0.13 -11.61
N THR A 337 -12.19 -0.26 -10.29
CA THR A 337 -12.83 0.77 -9.49
C THR A 337 -11.81 1.92 -9.39
N LYS A 338 -12.27 3.14 -9.17
CA LYS A 338 -11.36 4.28 -9.12
C LYS A 338 -10.76 4.46 -7.73
N GLN A 339 -10.80 3.38 -6.97
CA GLN A 339 -10.28 3.34 -5.63
C GLN A 339 -9.47 2.04 -5.56
N GLN A 340 -9.86 1.09 -6.40
CA GLN A 340 -9.17 -0.21 -6.53
C GLN A 340 -8.88 -0.44 -8.03
N GLU A 341 -7.92 0.33 -8.53
CA GLU A 341 -7.48 0.32 -9.93
C GLU A 341 -7.02 -1.03 -10.44
N ALA A 342 -7.07 -1.21 -11.75
CA ALA A 342 -6.64 -2.46 -12.35
C ALA A 342 -5.13 -2.47 -12.55
N THR A 343 -4.52 -3.60 -12.24
CA THR A 343 -3.08 -3.77 -12.38
C THR A 343 -2.76 -4.25 -13.78
N GLN A 344 -3.78 -4.70 -14.50
CA GLN A 344 -3.62 -5.20 -15.87
C GLN A 344 -4.00 -4.18 -16.92
N PRO A 345 -3.35 -4.25 -18.08
CA PRO A 345 -3.65 -3.30 -19.16
C PRO A 345 -4.87 -3.80 -19.94
N ASP A 346 -5.60 -2.86 -20.53
CA ASP A 346 -6.79 -3.22 -21.30
C ASP A 346 -6.38 -3.92 -22.58
N ASP A 347 -7.35 -4.52 -23.26
CA ASP A 347 -7.04 -5.24 -24.47
C ASP A 347 -7.85 -4.72 -25.63
N VAL A 348 -7.38 -5.05 -26.84
CA VAL A 348 -8.11 -4.71 -28.05
C VAL A 348 -8.39 -6.08 -28.64
N ILE A 349 -9.65 -6.34 -29.00
CA ILE A 349 -10.01 -7.61 -29.60
C ILE A 349 -10.26 -7.42 -31.09
N ARG A 350 -9.46 -8.08 -31.93
CA ARG A 350 -9.63 -8.00 -33.38
C ARG A 350 -10.48 -9.20 -33.77
N ILE A 351 -11.64 -8.94 -34.36
CA ILE A 351 -12.55 -9.99 -34.78
C ILE A 351 -12.68 -10.09 -36.28
N ALA A 352 -12.49 -11.30 -36.80
CA ALA A 352 -12.60 -11.55 -38.24
C ALA A 352 -14.08 -11.79 -38.57
N LEU A 353 -14.78 -10.74 -38.99
CA LEU A 353 -16.21 -10.86 -39.31
C LEU A 353 -16.47 -11.82 -40.48
N GLU B 33 25.24 -10.73 2.21
CA GLU B 33 24.05 -9.83 2.17
C GLU B 33 23.12 -10.14 3.34
N MET B 34 23.12 -9.26 4.34
CA MET B 34 22.29 -9.45 5.52
C MET B 34 21.33 -8.31 5.79
N LEU B 35 20.16 -8.66 6.29
CA LEU B 35 19.13 -7.69 6.63
C LEU B 35 18.71 -7.89 8.08
N ARG B 36 18.95 -6.89 8.91
CA ARG B 36 18.56 -7.00 10.31
C ARG B 36 17.33 -6.14 10.53
N LYS B 37 16.27 -6.75 11.03
CA LYS B 37 15.05 -6.00 11.25
C LYS B 37 14.54 -6.33 12.64
N ALA B 38 13.99 -5.33 13.32
CA ALA B 38 13.46 -5.55 14.66
C ALA B 38 12.04 -6.10 14.55
N VAL B 39 11.67 -6.95 15.50
CA VAL B 39 10.35 -7.54 15.55
C VAL B 39 9.71 -7.34 16.91
N GLY B 40 10.31 -7.92 17.95
CA GLY B 40 9.77 -7.77 19.28
C GLY B 40 10.70 -8.30 20.37
N LYS B 41 10.27 -8.22 21.62
CA LYS B 41 11.07 -8.71 22.74
C LYS B 41 10.84 -10.20 22.97
N GLY B 42 11.88 -10.89 23.41
CA GLY B 42 11.77 -12.31 23.68
C GLY B 42 11.61 -13.17 22.45
N ALA B 43 12.52 -13.03 21.50
CA ALA B 43 12.42 -13.83 20.29
C ALA B 43 12.97 -15.21 20.52
N TYR B 44 12.33 -16.20 19.90
CA TYR B 44 12.77 -17.58 20.00
C TYR B 44 12.81 -18.27 18.67
N GLU B 45 12.02 -19.32 18.50
CA GLU B 45 12.07 -20.05 17.26
C GLU B 45 11.17 -19.51 16.15
N MET B 46 11.35 -20.07 14.95
CA MET B 46 10.60 -19.63 13.78
C MET B 46 10.09 -20.78 12.93
N ALA B 47 9.27 -20.46 11.94
CA ALA B 47 8.74 -21.47 11.04
C ALA B 47 8.49 -20.79 9.71
N TYR B 48 8.76 -21.49 8.62
CA TYR B 48 8.57 -20.92 7.29
C TYR B 48 7.49 -21.71 6.55
N SER B 49 6.82 -21.04 5.63
CA SER B 49 5.81 -21.69 4.81
C SER B 49 5.92 -21.15 3.40
N GLN B 50 6.14 -22.07 2.48
CA GLN B 50 6.24 -21.72 1.08
C GLN B 50 4.90 -21.21 0.57
N GLN B 51 3.83 -21.90 0.98
CA GLN B 51 2.47 -21.56 0.56
C GLN B 51 2.03 -20.17 0.94
N GLU B 52 2.24 -19.82 2.21
CA GLU B 52 1.85 -18.52 2.71
C GLU B 52 2.89 -17.49 2.40
N ASN B 53 4.04 -17.94 1.89
CA ASN B 53 5.15 -17.04 1.60
C ASN B 53 5.30 -16.16 2.83
N ALA B 54 5.56 -16.82 3.96
CA ALA B 54 5.70 -16.13 5.23
C ALA B 54 6.63 -16.86 6.20
N LEU B 55 7.15 -16.10 7.14
CA LEU B 55 8.05 -16.60 8.16
C LEU B 55 7.47 -16.15 9.48
N TRP B 56 7.23 -17.07 10.41
CA TRP B 56 6.69 -16.67 11.71
C TRP B 56 7.78 -16.70 12.77
N LEU B 57 7.63 -15.83 13.77
CA LEU B 57 8.58 -15.76 14.88
C LEU B 57 7.82 -15.82 16.19
N ALA B 58 8.24 -16.71 17.08
CA ALA B 58 7.60 -16.84 18.40
C ALA B 58 8.31 -15.88 19.36
N THR B 59 7.53 -15.08 20.10
CA THR B 59 8.11 -14.15 21.05
C THR B 59 7.35 -14.21 22.36
N SER B 60 8.07 -14.15 23.47
CA SER B 60 7.44 -14.19 24.78
C SER B 60 7.25 -12.79 25.33
N GLN B 61 7.62 -11.79 24.52
CA GLN B 61 7.51 -10.38 24.91
C GLN B 61 8.30 -10.16 26.20
N SER B 62 8.03 -9.07 26.90
CA SER B 62 8.73 -8.78 28.15
C SER B 62 8.37 -9.74 29.25
N ARG B 63 9.37 -10.13 30.03
CA ARG B 63 9.16 -11.07 31.10
C ARG B 63 8.44 -10.49 32.31
N LYS B 64 8.75 -9.24 32.65
CA LYS B 64 8.15 -8.60 33.81
C LYS B 64 7.12 -7.53 33.45
N LEU B 65 6.70 -7.51 32.20
CA LEU B 65 5.74 -6.52 31.76
C LEU B 65 4.57 -7.16 31.05
N ASP B 66 4.84 -8.27 30.37
CA ASP B 66 3.82 -8.94 29.60
C ASP B 66 3.40 -10.30 30.15
N LYS B 67 2.10 -10.53 30.06
CA LYS B 67 1.49 -11.79 30.45
C LYS B 67 1.12 -12.28 29.06
N GLY B 68 1.51 -13.49 28.72
CA GLY B 68 1.21 -14.01 27.39
C GLY B 68 2.30 -13.56 26.44
N GLY B 69 2.05 -13.68 25.13
CA GLY B 69 3.05 -13.28 24.15
C GLY B 69 2.50 -13.04 22.76
N VAL B 70 3.39 -12.93 21.78
CA VAL B 70 2.97 -12.68 20.41
C VAL B 70 3.69 -13.51 19.35
N VAL B 71 2.91 -14.08 18.42
CA VAL B 71 3.49 -14.81 17.31
C VAL B 71 3.36 -13.82 16.16
N TYR B 72 4.48 -13.45 15.54
CA TYR B 72 4.53 -12.49 14.44
C TYR B 72 4.67 -13.15 13.05
N ARG B 73 3.87 -12.67 12.09
CA ARG B 73 3.93 -13.18 10.71
C ARG B 73 4.80 -12.17 9.97
N LEU B 74 5.91 -12.62 9.39
CA LEU B 74 6.84 -11.72 8.72
C LEU B 74 7.03 -11.92 7.22
N ASP B 75 7.22 -10.83 6.48
CA ASP B 75 7.45 -10.97 5.04
C ASP B 75 8.84 -11.58 4.87
N PRO B 76 8.95 -12.64 4.06
CA PRO B 76 10.23 -13.33 3.80
C PRO B 76 11.35 -12.48 3.25
N VAL B 77 11.00 -11.42 2.55
CA VAL B 77 12.01 -10.54 1.96
C VAL B 77 12.37 -9.33 2.80
N THR B 78 11.37 -8.55 3.20
CA THR B 78 11.59 -7.34 3.99
C THR B 78 11.56 -7.54 5.51
N LEU B 79 10.94 -8.63 5.94
CA LEU B 79 10.82 -8.94 7.36
C LEU B 79 9.86 -7.99 8.10
N GLU B 80 9.05 -7.24 7.35
CA GLU B 80 8.07 -6.35 7.99
C GLU B 80 6.95 -7.21 8.59
N VAL B 81 6.38 -6.78 9.70
CA VAL B 81 5.30 -7.54 10.33
C VAL B 81 4.00 -7.44 9.55
N THR B 82 3.52 -8.55 9.01
CA THR B 82 2.26 -8.55 8.28
C THR B 82 1.09 -8.96 9.19
N GLN B 83 1.41 -9.60 10.32
CA GLN B 83 0.39 -10.01 11.29
C GLN B 83 0.97 -10.19 12.69
N ALA B 84 0.16 -9.86 13.69
CA ALA B 84 0.57 -9.98 15.09
C ALA B 84 -0.47 -10.81 15.81
N ILE B 85 -0.15 -12.05 16.11
CA ILE B 85 -1.09 -12.94 16.78
C ILE B 85 -0.88 -12.92 18.30
N HIS B 86 -1.86 -12.38 19.00
CA HIS B 86 -1.77 -12.32 20.45
C HIS B 86 -2.14 -13.64 21.09
N ASN B 87 -1.27 -14.12 21.98
CA ASN B 87 -1.49 -15.39 22.67
C ASN B 87 -1.59 -15.29 24.18
N ASP B 88 -2.54 -16.04 24.75
CA ASP B 88 -2.74 -16.08 26.19
C ASP B 88 -1.46 -16.54 26.86
N LEU B 89 -0.90 -17.66 26.35
CA LEU B 89 0.34 -18.25 26.86
C LEU B 89 1.51 -17.86 25.98
N LYS B 90 2.65 -17.61 26.59
CA LYS B 90 3.86 -17.26 25.85
C LYS B 90 4.37 -18.42 25.01
N PRO B 91 4.66 -18.17 23.72
CA PRO B 91 5.17 -19.16 22.77
C PRO B 91 6.71 -19.13 22.73
N PHE B 92 7.33 -20.29 22.65
CA PHE B 92 8.79 -20.40 22.59
C PHE B 92 9.24 -21.27 21.43
N GLY B 93 9.04 -22.57 21.55
CA GLY B 93 9.43 -23.47 20.48
C GLY B 93 8.44 -23.38 19.35
N ALA B 94 8.92 -23.56 18.12
CA ALA B 94 8.04 -23.47 16.95
C ALA B 94 8.30 -24.55 15.93
N THR B 95 7.27 -24.85 15.14
CA THR B 95 7.34 -25.84 14.08
C THR B 95 6.06 -25.71 13.27
N ILE B 96 6.10 -26.20 12.03
CA ILE B 96 4.93 -26.12 11.18
C ILE B 96 4.69 -27.43 10.44
N ASN B 97 3.41 -27.79 10.32
CA ASN B 97 3.03 -28.98 9.58
C ASN B 97 2.73 -28.40 8.21
N ASN B 98 3.53 -28.76 7.22
CA ASN B 98 3.31 -28.20 5.88
C ASN B 98 2.07 -28.72 5.17
N THR B 99 1.61 -29.92 5.55
CA THR B 99 0.43 -30.47 4.90
C THR B 99 -0.79 -29.72 5.40
N THR B 100 -1.00 -29.75 6.71
CA THR B 100 -2.14 -29.08 7.33
C THR B 100 -1.97 -27.56 7.43
N GLN B 101 -0.75 -27.09 7.19
CA GLN B 101 -0.41 -25.67 7.28
C GLN B 101 -0.79 -25.13 8.65
N THR B 102 -0.44 -25.90 9.69
CA THR B 102 -0.74 -25.50 11.06
C THR B 102 0.54 -25.22 11.84
N LEU B 103 0.52 -24.13 12.59
CA LEU B 103 1.68 -23.76 13.39
C LEU B 103 1.59 -24.41 14.76
N TRP B 104 2.72 -24.93 15.23
CA TRP B 104 2.75 -25.55 16.54
C TRP B 104 3.80 -24.85 17.38
N PHE B 105 3.37 -24.33 18.53
CA PHE B 105 4.24 -23.59 19.42
C PHE B 105 4.37 -24.16 20.82
N GLY B 106 5.61 -24.20 21.31
CA GLY B 106 5.85 -24.70 22.65
C GLY B 106 5.66 -23.63 23.72
N ASN B 107 4.73 -23.86 24.65
CA ASN B 107 4.48 -22.91 25.73
C ASN B 107 5.30 -23.33 26.93
N THR B 108 6.60 -23.12 26.84
CA THR B 108 7.52 -23.51 27.88
C THR B 108 7.09 -23.27 29.32
N VAL B 109 6.93 -22.01 29.70
CA VAL B 109 6.58 -21.71 31.08
C VAL B 109 5.13 -22.00 31.50
N ASN B 110 4.43 -22.83 30.73
CA ASN B 110 3.06 -23.18 31.07
C ASN B 110 2.82 -24.65 30.75
N SER B 111 3.91 -25.36 30.48
CA SER B 111 3.84 -26.78 30.14
C SER B 111 2.70 -27.09 29.19
N ALA B 112 2.73 -26.49 28.00
CA ALA B 112 1.65 -26.73 27.04
C ALA B 112 2.09 -26.46 25.63
N VAL B 113 1.23 -26.81 24.69
CA VAL B 113 1.51 -26.59 23.28
C VAL B 113 0.32 -25.86 22.68
N THR B 114 0.59 -25.02 21.70
CA THR B 114 -0.46 -24.24 21.06
C THR B 114 -0.44 -24.47 19.56
N ALA B 115 -1.63 -24.56 18.98
CA ALA B 115 -1.78 -24.78 17.56
C ALA B 115 -2.43 -23.53 16.94
N ILE B 116 -1.83 -23.03 15.88
CA ILE B 116 -2.36 -21.85 15.18
C ILE B 116 -2.44 -22.08 13.67
N ASP B 117 -3.57 -21.69 13.07
CA ASP B 117 -3.82 -21.80 11.64
C ASP B 117 -2.89 -20.85 10.90
N ALA B 118 -1.93 -21.40 10.16
CA ALA B 118 -0.98 -20.56 9.45
C ALA B 118 -1.62 -19.57 8.51
N LYS B 119 -2.64 -20.03 7.79
CA LYS B 119 -3.33 -19.21 6.80
C LYS B 119 -4.05 -18.00 7.40
N THR B 120 -4.82 -18.24 8.46
CA THR B 120 -5.61 -17.18 9.08
C THR B 120 -5.08 -16.57 10.37
N GLY B 121 -4.10 -17.21 10.99
CA GLY B 121 -3.54 -16.69 12.23
C GLY B 121 -4.43 -16.93 13.44
N GLU B 122 -5.43 -17.79 13.32
CA GLU B 122 -6.32 -18.09 14.44
C GLU B 122 -5.76 -19.15 15.36
N VAL B 123 -5.86 -18.90 16.67
CA VAL B 123 -5.38 -19.86 17.66
C VAL B 123 -6.42 -20.97 17.71
N LYS B 124 -6.09 -22.14 17.14
CA LYS B 124 -7.02 -23.27 17.10
C LYS B 124 -7.28 -23.94 18.46
N GLY B 125 -6.31 -23.89 19.37
CA GLY B 125 -6.51 -24.50 20.67
C GLY B 125 -5.21 -24.85 21.35
N ARG B 126 -5.29 -25.29 22.60
CA ARG B 126 -4.08 -25.66 23.34
C ARG B 126 -4.21 -27.02 24.05
N LEU B 127 -3.12 -27.47 24.64
CA LEU B 127 -3.09 -28.72 25.36
C LEU B 127 -2.05 -28.64 26.47
N VAL B 128 -2.50 -28.69 27.72
CA VAL B 128 -1.57 -28.66 28.84
C VAL B 128 -0.91 -30.03 28.88
N LEU B 129 0.41 -30.04 28.70
CA LEU B 129 1.17 -31.28 28.67
C LEU B 129 1.51 -31.83 30.05
N ASP B 130 1.62 -30.95 31.04
CA ASP B 130 1.93 -31.32 32.41
C ASP B 130 1.23 -30.32 33.31
N ASP B 131 0.08 -30.70 33.86
CA ASP B 131 -0.72 -29.80 34.70
C ASP B 131 -0.30 -29.60 36.16
N ARG B 132 0.67 -30.37 36.63
CA ARG B 132 1.10 -30.24 38.03
C ARG B 132 1.62 -28.86 38.38
N LYS B 133 1.42 -28.43 39.62
CA LYS B 133 1.88 -27.14 40.07
C LYS B 133 3.27 -27.24 40.68
N ARG B 134 4.06 -26.18 40.51
CA ARG B 134 5.43 -26.15 41.04
C ARG B 134 5.50 -26.20 42.56
N THR B 135 6.51 -26.89 43.07
CA THR B 135 6.72 -27.00 44.51
C THR B 135 8.22 -27.18 44.69
N GLU B 136 8.63 -27.59 45.88
CA GLU B 136 10.05 -27.80 46.13
C GLU B 136 10.41 -29.26 45.90
N GLU B 137 9.40 -30.06 45.55
CA GLU B 137 9.59 -31.49 45.27
C GLU B 137 9.26 -31.71 43.80
N VAL B 138 8.11 -31.19 43.38
CA VAL B 138 7.68 -31.34 42.00
C VAL B 138 7.95 -30.08 41.18
N ARG B 139 8.50 -30.31 39.99
CA ARG B 139 8.84 -29.28 39.01
C ARG B 139 8.28 -29.87 37.72
N PRO B 140 7.19 -29.32 37.18
CA PRO B 140 6.59 -29.84 35.95
C PRO B 140 7.51 -29.86 34.75
N LEU B 141 7.29 -30.85 33.88
CA LEU B 141 8.07 -30.99 32.66
C LEU B 141 7.66 -29.89 31.70
N GLN B 142 8.64 -29.25 31.06
CA GLN B 142 8.32 -28.18 30.12
C GLN B 142 8.70 -28.49 28.68
N PRO B 143 7.83 -28.10 27.74
CA PRO B 143 8.07 -28.33 26.32
C PRO B 143 9.30 -27.55 25.89
N ARG B 144 10.04 -28.13 24.96
CA ARG B 144 11.26 -27.50 24.48
C ARG B 144 11.23 -27.40 22.95
N GLU B 145 11.59 -28.48 22.26
CA GLU B 145 11.57 -28.48 20.80
C GLU B 145 10.30 -29.16 20.31
N LEU B 146 9.95 -28.92 19.04
CA LEU B 146 8.77 -29.53 18.45
C LEU B 146 9.00 -29.83 16.98
N VAL B 147 8.48 -30.96 16.52
CA VAL B 147 8.58 -31.35 15.12
C VAL B 147 7.26 -32.02 14.78
N ALA B 148 6.83 -31.85 13.53
CA ALA B 148 5.58 -32.43 13.11
C ALA B 148 5.82 -33.41 11.97
N ASP B 149 5.10 -34.53 11.97
CA ASP B 149 5.23 -35.50 10.89
C ASP B 149 4.11 -35.10 9.94
N ASP B 150 4.50 -34.53 8.80
CA ASP B 150 3.53 -34.05 7.81
C ASP B 150 2.59 -35.14 7.32
N ALA B 151 3.11 -36.37 7.27
CA ALA B 151 2.36 -37.52 6.77
C ALA B 151 1.30 -38.09 7.69
N THR B 152 1.49 -38.03 9.00
CA THR B 152 0.53 -38.60 9.94
C THR B 152 -0.15 -37.55 10.81
N ASN B 153 0.18 -36.28 10.56
CA ASN B 153 -0.32 -35.15 11.35
C ASN B 153 -0.15 -35.45 12.83
N THR B 154 1.11 -35.77 13.17
CA THR B 154 1.48 -36.07 14.55
C THR B 154 2.55 -35.05 14.96
N VAL B 155 2.40 -34.47 16.15
CA VAL B 155 3.37 -33.50 16.63
C VAL B 155 4.13 -34.12 17.79
N TYR B 156 5.46 -34.17 17.66
CA TYR B 156 6.30 -34.71 18.72
C TYR B 156 6.89 -33.51 19.45
N ILE B 157 6.81 -33.55 20.77
CA ILE B 157 7.32 -32.47 21.60
C ILE B 157 8.21 -33.02 22.69
N SER B 158 9.42 -32.49 22.80
CA SER B 158 10.31 -32.94 23.85
C SER B 158 10.05 -32.14 25.12
N GLY B 159 9.67 -32.84 26.18
CA GLY B 159 9.40 -32.21 27.46
C GLY B 159 10.57 -32.53 28.37
N ILE B 160 11.35 -31.51 28.70
CA ILE B 160 12.53 -31.71 29.54
C ILE B 160 12.29 -31.63 31.04
N GLY B 161 13.28 -32.17 31.77
CA GLY B 161 13.26 -32.21 33.23
C GLY B 161 14.36 -33.17 33.67
N LYS B 162 14.37 -33.55 34.95
CA LYS B 162 15.39 -34.48 35.43
C LYS B 162 15.18 -35.76 34.62
N GLU B 163 13.93 -36.20 34.58
CA GLU B 163 13.55 -37.40 33.83
C GLU B 163 12.65 -36.96 32.67
N SER B 164 13.27 -36.69 31.53
CA SER B 164 12.59 -36.23 30.33
C SER B 164 11.67 -37.24 29.64
N VAL B 165 10.84 -36.73 28.73
CA VAL B 165 9.92 -37.54 27.96
C VAL B 165 9.74 -36.88 26.61
N ILE B 166 8.87 -37.44 25.79
CA ILE B 166 8.56 -36.90 24.48
C ILE B 166 7.07 -37.09 24.28
N TRP B 167 6.35 -35.99 24.32
CA TRP B 167 4.92 -36.03 24.15
C TRP B 167 4.57 -36.21 22.67
N VAL B 168 3.72 -37.20 22.42
CA VAL B 168 3.28 -37.49 21.06
C VAL B 168 1.83 -37.03 20.97
N VAL B 169 1.64 -35.85 20.41
CA VAL B 169 0.30 -35.26 20.28
C VAL B 169 -0.34 -35.46 18.92
N ASP B 170 -1.66 -35.66 18.92
CA ASP B 170 -2.42 -35.87 17.70
C ASP B 170 -2.81 -34.53 17.09
N GLY B 171 -2.20 -34.19 15.97
CA GLY B 171 -2.49 -32.93 15.31
C GLY B 171 -3.95 -32.81 14.93
N GLY B 172 -4.66 -33.94 14.89
CA GLY B 172 -6.05 -33.91 14.52
C GLY B 172 -6.98 -33.17 15.47
N ASN B 173 -6.97 -33.56 16.74
CA ASN B 173 -7.83 -32.94 17.73
C ASN B 173 -7.10 -32.26 18.87
N ILE B 174 -5.78 -32.15 18.77
CA ILE B 174 -4.96 -31.52 19.80
C ILE B 174 -5.12 -32.25 21.13
N LYS B 175 -4.98 -33.57 21.06
CA LYS B 175 -5.09 -34.42 22.24
C LYS B 175 -3.82 -35.25 22.31
N LEU B 176 -3.44 -35.64 23.53
CA LEU B 176 -2.23 -36.42 23.74
C LEU B 176 -2.44 -37.88 23.36
N LYS B 177 -1.53 -38.44 22.59
CA LYS B 177 -1.62 -39.85 22.18
C LYS B 177 -0.92 -40.71 23.23
N THR B 178 0.32 -40.34 23.52
CA THR B 178 1.12 -41.05 24.51
C THR B 178 2.29 -40.16 24.92
N ALA B 179 3.12 -40.68 25.81
CA ALA B 179 4.29 -39.95 26.26
C ALA B 179 5.43 -40.94 26.34
N ILE B 180 6.33 -40.90 25.36
CA ILE B 180 7.48 -41.80 25.35
C ILE B 180 8.30 -41.45 26.58
N GLN B 181 8.50 -42.43 27.46
CA GLN B 181 9.23 -42.22 28.71
C GLN B 181 10.72 -42.48 28.70
N ASN B 182 11.34 -42.08 29.80
CA ASN B 182 12.76 -42.29 30.05
C ASN B 182 13.75 -41.86 28.96
N THR B 183 13.78 -40.58 28.62
CA THR B 183 14.73 -40.14 27.59
C THR B 183 16.01 -39.55 28.20
N GLY B 184 16.09 -39.59 29.52
CA GLY B 184 17.28 -39.08 30.19
C GLY B 184 17.10 -37.71 30.81
N LYS B 185 18.20 -37.13 31.23
CA LYS B 185 18.19 -35.81 31.84
C LYS B 185 18.30 -34.75 30.75
N MET B 186 17.38 -33.80 30.74
CA MET B 186 17.39 -32.72 29.76
C MET B 186 17.49 -33.20 28.31
N SER B 187 16.56 -34.07 27.89
CA SER B 187 16.59 -34.55 26.52
C SER B 187 15.90 -33.48 25.69
N THR B 188 16.63 -32.41 25.41
CA THR B 188 16.08 -31.29 24.67
C THR B 188 15.99 -31.52 23.17
N GLY B 189 17.05 -32.05 22.57
CA GLY B 189 17.04 -32.28 21.14
C GLY B 189 15.90 -33.10 20.57
N LEU B 190 15.52 -32.79 19.33
CA LEU B 190 14.43 -33.50 18.68
C LEU B 190 14.44 -33.26 17.17
N ALA B 191 14.65 -34.34 16.42
CA ALA B 191 14.68 -34.31 14.97
C ALA B 191 13.81 -35.47 14.46
N LEU B 192 13.23 -35.31 13.27
CA LEU B 192 12.36 -36.36 12.72
C LEU B 192 12.71 -36.80 11.29
N ASP B 193 12.41 -38.04 10.98
CA ASP B 193 12.62 -38.60 9.65
C ASP B 193 11.29 -39.25 9.29
N SER B 194 10.37 -38.45 8.73
CA SER B 194 9.05 -38.95 8.38
C SER B 194 9.13 -40.22 7.54
N GLU B 195 9.94 -40.15 6.49
CA GLU B 195 10.12 -41.28 5.57
C GLU B 195 10.50 -42.56 6.33
N GLY B 196 11.69 -42.55 6.90
CA GLY B 196 12.19 -43.71 7.64
C GLY B 196 11.49 -44.02 8.97
N LYS B 197 10.39 -43.33 9.25
CA LYS B 197 9.65 -43.53 10.49
C LYS B 197 10.52 -43.55 11.77
N ARG B 198 11.54 -42.69 11.82
CA ARG B 198 12.45 -42.61 12.97
C ARG B 198 12.45 -41.22 13.61
N LEU B 199 12.39 -41.20 14.94
CA LEU B 199 12.41 -39.94 15.70
C LEU B 199 13.68 -39.93 16.54
N TYR B 200 14.46 -38.87 16.47
CA TYR B 200 15.70 -38.82 17.26
C TYR B 200 15.63 -37.78 18.37
N THR B 201 16.43 -37.97 19.42
CA THR B 201 16.50 -37.00 20.50
C THR B 201 17.84 -37.11 21.20
N THR B 202 18.38 -35.96 21.62
CA THR B 202 19.67 -35.90 22.30
C THR B 202 19.48 -35.29 23.69
N ASN B 203 20.44 -35.51 24.58
CA ASN B 203 20.30 -35.00 25.95
C ASN B 203 21.55 -34.62 26.70
N ALA B 204 21.35 -34.28 27.97
CA ALA B 204 22.43 -33.88 28.87
C ALA B 204 23.23 -35.09 29.34
N ASP B 205 22.64 -36.27 29.23
CA ASP B 205 23.35 -37.49 29.61
C ASP B 205 24.32 -37.90 28.50
N GLY B 206 24.41 -37.06 27.47
CA GLY B 206 25.31 -37.36 26.36
C GLY B 206 24.84 -38.47 25.43
N GLU B 207 23.59 -38.88 25.57
CA GLU B 207 23.02 -39.94 24.73
C GLU B 207 22.37 -39.44 23.44
N LEU B 208 22.22 -40.36 22.48
CA LEU B 208 21.54 -40.10 21.22
C LEU B 208 20.49 -41.19 21.18
N ILE B 209 19.25 -40.83 21.47
CA ILE B 209 18.19 -41.80 21.48
C ILE B 209 17.46 -41.86 20.13
N THR B 210 17.17 -43.09 19.68
CA THR B 210 16.46 -43.33 18.43
C THR B 210 15.13 -43.99 18.76
N ILE B 211 14.04 -43.49 18.18
CA ILE B 211 12.71 -44.01 18.44
C ILE B 211 11.98 -44.37 17.17
N ASP B 212 11.30 -45.51 17.18
CA ASP B 212 10.55 -45.93 16.01
C ASP B 212 9.17 -45.26 16.14
N THR B 213 8.88 -44.35 15.22
CA THR B 213 7.62 -43.60 15.23
C THR B 213 6.39 -44.47 14.98
N ALA B 214 6.61 -45.67 14.44
CA ALA B 214 5.50 -46.58 14.18
C ALA B 214 4.81 -47.08 15.45
N ASP B 215 5.58 -47.23 16.54
CA ASP B 215 5.04 -47.70 17.81
C ASP B 215 5.52 -46.87 19.02
N ASN B 216 6.24 -45.78 18.77
CA ASN B 216 6.74 -44.91 19.84
C ASN B 216 7.60 -45.64 20.87
N LYS B 217 8.47 -46.51 20.39
CA LYS B 217 9.35 -47.26 21.27
C LYS B 217 10.80 -46.92 21.00
N ILE B 218 11.54 -46.68 22.08
CA ILE B 218 12.95 -46.36 21.94
C ILE B 218 13.65 -47.58 21.37
N LEU B 219 14.17 -47.45 20.15
CA LEU B 219 14.87 -48.55 19.50
C LEU B 219 16.29 -48.70 20.01
N SER B 220 16.92 -47.59 20.36
CA SER B 220 18.30 -47.65 20.84
C SER B 220 18.86 -46.33 21.31
N ARG B 221 19.48 -46.35 22.48
CA ARG B 221 20.10 -45.14 23.00
C ARG B 221 21.59 -45.42 22.95
N LYS B 222 22.42 -44.39 23.03
CA LYS B 222 23.85 -44.58 22.97
C LYS B 222 24.67 -43.37 23.40
N LYS B 223 25.71 -43.62 24.20
CA LYS B 223 26.57 -42.53 24.64
C LYS B 223 27.40 -42.22 23.40
N LEU B 224 27.38 -40.98 22.93
CA LEU B 224 28.13 -40.65 21.73
C LEU B 224 29.63 -40.56 21.92
N LEU B 225 30.07 -39.83 22.94
CA LEU B 225 31.49 -39.66 23.21
C LEU B 225 31.94 -40.37 24.50
N ASP B 226 33.24 -40.58 24.64
CA ASP B 226 33.78 -41.25 25.82
C ASP B 226 34.92 -40.52 26.51
N ASP B 227 35.25 -39.33 26.04
CA ASP B 227 36.35 -38.58 26.65
C ASP B 227 36.10 -38.19 28.11
N GLY B 228 35.28 -38.97 28.80
CA GLY B 228 34.98 -38.69 30.19
C GLY B 228 34.25 -37.37 30.39
N LYS B 229 34.73 -36.31 29.74
CA LYS B 229 34.13 -34.98 29.86
C LYS B 229 32.61 -34.97 29.73
N GLU B 230 32.00 -33.87 30.16
CA GLU B 230 30.56 -33.73 30.09
C GLU B 230 30.07 -33.10 28.80
N HIS B 231 29.05 -33.74 28.23
CA HIS B 231 28.46 -33.27 26.99
C HIS B 231 26.96 -33.11 27.08
N PHE B 232 26.48 -31.96 26.61
CA PHE B 232 25.06 -31.68 26.58
C PHE B 232 24.76 -31.46 25.11
N PHE B 233 24.03 -32.40 24.52
CA PHE B 233 23.67 -32.29 23.11
C PHE B 233 22.28 -31.66 23.04
N ILE B 234 22.26 -30.33 23.01
CA ILE B 234 21.03 -29.54 22.98
C ILE B 234 20.17 -29.78 21.77
N ASN B 235 20.78 -29.66 20.58
CA ASN B 235 20.01 -29.84 19.36
C ASN B 235 20.54 -30.83 18.34
N ILE B 236 19.68 -31.19 17.39
CA ILE B 236 20.05 -32.13 16.35
C ILE B 236 19.27 -31.86 15.08
N SER B 237 19.96 -31.87 13.94
CA SER B 237 19.32 -31.66 12.65
C SER B 237 19.71 -32.84 11.76
N LEU B 238 18.79 -33.27 10.92
CA LEU B 238 19.01 -34.42 10.06
C LEU B 238 19.26 -34.22 8.58
N ASP B 239 20.08 -35.12 8.04
CA ASP B 239 20.38 -35.17 6.61
C ASP B 239 19.94 -36.59 6.25
N THR B 240 18.63 -36.83 6.34
CA THR B 240 18.06 -38.13 6.05
C THR B 240 18.58 -38.75 4.77
N ALA B 241 18.83 -37.93 3.76
CA ALA B 241 19.34 -38.43 2.50
C ALA B 241 20.60 -39.27 2.70
N ARG B 242 21.55 -38.79 3.48
CA ARG B 242 22.79 -39.53 3.72
C ARG B 242 22.79 -40.17 5.10
N GLN B 243 21.63 -40.18 5.75
CA GLN B 243 21.50 -40.75 7.08
C GLN B 243 22.52 -40.22 8.07
N ARG B 244 22.65 -38.90 8.10
CA ARG B 244 23.57 -38.22 9.00
C ARG B 244 22.75 -37.39 9.97
N ALA B 245 23.38 -37.01 11.07
CA ALA B 245 22.73 -36.19 12.07
C ALA B 245 23.77 -35.22 12.60
N PHE B 246 23.47 -33.92 12.54
CA PHE B 246 24.40 -32.92 13.06
C PHE B 246 23.90 -32.60 14.46
N ILE B 247 24.78 -32.81 15.45
CA ILE B 247 24.43 -32.61 16.85
C ILE B 247 25.30 -31.59 17.56
N THR B 248 24.67 -30.54 18.09
CA THR B 248 25.41 -29.50 18.78
C THR B 248 25.70 -29.88 20.23
N ASP B 249 26.62 -29.13 20.83
CA ASP B 249 27.02 -29.34 22.21
C ASP B 249 27.24 -27.96 22.86
N SER B 250 26.60 -27.73 24.00
CA SER B 250 26.74 -26.45 24.69
C SER B 250 27.95 -26.47 25.62
N LYS B 251 28.44 -27.68 25.90
CA LYS B 251 29.58 -27.87 26.79
C LYS B 251 30.86 -28.35 26.08
N ALA B 252 31.02 -27.97 24.82
CA ALA B 252 32.20 -28.35 24.01
C ALA B 252 32.21 -27.50 22.74
N ALA B 253 33.41 -27.20 22.26
CA ALA B 253 33.53 -26.38 21.05
C ALA B 253 33.65 -27.27 19.81
N GLU B 254 32.75 -28.24 19.69
CA GLU B 254 32.78 -29.13 18.54
C GLU B 254 31.37 -29.65 18.21
N VAL B 255 31.03 -29.63 16.93
CA VAL B 255 29.74 -30.13 16.49
C VAL B 255 29.96 -31.55 15.99
N LEU B 256 29.07 -32.46 16.37
CA LEU B 256 29.19 -33.86 15.97
C LEU B 256 28.33 -34.23 14.78
N VAL B 257 28.93 -34.92 13.81
CA VAL B 257 28.21 -35.41 12.64
C VAL B 257 28.13 -36.90 12.90
N VAL B 258 26.93 -37.42 13.11
CA VAL B 258 26.76 -38.83 13.42
C VAL B 258 25.99 -39.62 12.35
N ASP B 259 26.19 -40.94 12.36
CA ASP B 259 25.54 -41.85 11.42
C ASP B 259 24.23 -42.28 12.10
N THR B 260 23.10 -41.84 11.55
CA THR B 260 21.80 -42.14 12.15
C THR B 260 21.48 -43.62 12.28
N ARG B 261 22.29 -44.49 11.70
CA ARG B 261 22.06 -45.94 11.75
C ARG B 261 22.64 -46.63 12.97
N ASN B 262 23.76 -46.11 13.48
CA ASN B 262 24.45 -46.72 14.61
C ASN B 262 24.91 -45.76 15.69
N GLY B 263 25.29 -44.56 15.29
CA GLY B 263 25.75 -43.58 16.26
C GLY B 263 27.25 -43.34 16.17
N ASN B 264 27.85 -43.75 15.06
CA ASN B 264 29.28 -43.58 14.89
C ASN B 264 29.66 -42.16 14.46
N ILE B 265 30.65 -41.60 15.13
CA ILE B 265 31.10 -40.26 14.82
C ILE B 265 31.65 -40.23 13.41
N LEU B 266 31.01 -39.46 12.53
CA LEU B 266 31.46 -39.34 11.15
C LEU B 266 32.45 -38.20 11.05
N ALA B 267 32.39 -37.28 12.01
CA ALA B 267 33.28 -36.12 12.03
C ALA B 267 33.07 -35.26 13.28
N LYS B 268 34.08 -34.46 13.59
CA LYS B 268 34.02 -33.59 14.75
C LYS B 268 34.44 -32.20 14.32
N VAL B 269 33.45 -31.36 13.96
CA VAL B 269 33.74 -30.01 13.50
C VAL B 269 34.10 -29.06 14.63
N ALA B 270 35.20 -28.35 14.47
CA ALA B 270 35.63 -27.41 15.48
C ALA B 270 34.85 -26.11 15.29
N ALA B 271 34.37 -25.55 16.39
CA ALA B 271 33.61 -24.31 16.36
C ALA B 271 33.25 -23.90 17.79
N PRO B 272 32.87 -22.62 17.98
CA PRO B 272 32.51 -22.14 19.32
C PRO B 272 31.42 -23.02 19.93
N GLU B 273 31.18 -22.93 21.24
CA GLU B 273 30.12 -23.73 21.83
C GLU B 273 28.87 -23.41 21.00
N SER B 274 28.12 -24.44 20.64
CA SER B 274 26.94 -24.25 19.82
C SER B 274 25.60 -24.49 20.52
N LEU B 275 24.54 -23.95 19.93
CA LEU B 275 23.21 -24.07 20.47
C LEU B 275 22.27 -24.73 19.46
N ALA B 276 21.84 -23.97 18.47
CA ALA B 276 20.93 -24.48 17.45
C ALA B 276 21.69 -24.89 16.20
N VAL B 277 21.17 -25.88 15.50
CA VAL B 277 21.79 -26.37 14.28
C VAL B 277 20.70 -26.63 13.24
N LEU B 278 21.03 -26.40 11.99
CA LEU B 278 20.07 -26.61 10.92
C LEU B 278 20.81 -27.08 9.66
N PHE B 279 20.42 -28.25 9.16
CA PHE B 279 21.05 -28.80 7.97
C PHE B 279 20.29 -28.34 6.75
N ASN B 280 21.03 -27.95 5.72
CA ASN B 280 20.42 -27.48 4.49
C ASN B 280 20.75 -28.42 3.31
N PRO B 281 19.83 -29.32 2.97
CA PRO B 281 20.03 -30.27 1.87
C PRO B 281 20.43 -29.58 0.59
N ALA B 282 19.71 -28.52 0.27
CA ALA B 282 19.95 -27.75 -0.94
C ALA B 282 21.40 -27.35 -1.20
N ARG B 283 22.17 -27.11 -0.15
CA ARG B 283 23.57 -26.70 -0.31
C ARG B 283 24.55 -27.55 0.50
N ASN B 284 24.14 -28.76 0.84
CA ASN B 284 24.97 -29.65 1.64
C ASN B 284 25.87 -28.88 2.61
N GLU B 285 25.24 -28.28 3.62
CA GLU B 285 25.92 -27.51 4.66
C GLU B 285 24.98 -27.35 5.86
N ALA B 286 25.56 -27.17 7.05
CA ALA B 286 24.80 -27.01 8.29
C ALA B 286 25.12 -25.69 9.00
N TYR B 287 24.08 -25.00 9.48
CA TYR B 287 24.24 -23.72 10.18
C TYR B 287 24.13 -23.90 11.68
N VAL B 288 25.00 -23.21 12.40
CA VAL B 288 25.05 -23.30 13.85
C VAL B 288 25.07 -21.95 14.55
N THR B 289 24.25 -21.82 15.60
CA THR B 289 24.23 -20.57 16.35
C THR B 289 25.16 -20.69 17.56
N HIS B 290 25.92 -19.63 17.84
CA HIS B 290 26.83 -19.59 18.97
C HIS B 290 26.33 -18.47 19.86
N ARG B 291 25.34 -18.79 20.67
CA ARG B 291 24.67 -17.84 21.57
C ARG B 291 25.57 -16.79 22.22
N GLN B 292 26.47 -17.21 23.11
CA GLN B 292 27.34 -16.27 23.80
C GLN B 292 28.40 -15.59 22.97
N ALA B 293 28.77 -16.19 21.85
CA ALA B 293 29.80 -15.63 20.98
C ALA B 293 29.22 -14.57 20.06
N GLY B 294 27.93 -14.66 19.79
CA GLY B 294 27.27 -13.70 18.92
C GLY B 294 27.62 -13.97 17.48
N LYS B 295 27.79 -15.24 17.14
CA LYS B 295 28.14 -15.62 15.78
C LYS B 295 27.41 -16.87 15.32
N VAL B 296 27.33 -17.04 14.00
CA VAL B 296 26.68 -18.19 13.41
C VAL B 296 27.66 -18.79 12.42
N SER B 297 27.97 -20.09 12.59
CA SER B 297 28.91 -20.78 11.70
C SER B 297 28.24 -21.57 10.58
N VAL B 298 28.91 -21.63 9.44
CA VAL B 298 28.42 -22.39 8.29
C VAL B 298 29.37 -23.57 8.12
N ILE B 299 28.87 -24.78 8.32
CA ILE B 299 29.69 -25.97 8.19
C ILE B 299 29.53 -26.60 6.81
N ASP B 300 30.66 -26.77 6.11
CA ASP B 300 30.68 -27.40 4.79
C ASP B 300 30.43 -28.89 5.06
N ALA B 301 29.22 -29.36 4.74
CA ALA B 301 28.83 -30.75 4.97
C ALA B 301 29.66 -31.76 4.17
N LYS B 302 30.50 -31.25 3.27
CA LYS B 302 31.34 -32.10 2.47
C LYS B 302 32.68 -32.22 3.18
N SER B 303 33.36 -31.09 3.37
CA SER B 303 34.67 -31.08 4.02
C SER B 303 34.67 -31.12 5.56
N TYR B 304 33.50 -31.04 6.18
CA TYR B 304 33.38 -31.04 7.63
C TYR B 304 34.25 -29.99 8.34
N LYS B 305 34.37 -28.84 7.70
CA LYS B 305 35.14 -27.71 8.22
C LYS B 305 34.24 -26.48 8.21
N VAL B 306 34.41 -25.59 9.18
CA VAL B 306 33.60 -24.37 9.20
C VAL B 306 34.18 -23.49 8.09
N VAL B 307 33.41 -23.21 7.05
CA VAL B 307 33.93 -22.40 5.95
C VAL B 307 33.59 -20.92 6.02
N LYS B 308 32.64 -20.55 6.87
CA LYS B 308 32.26 -19.14 7.00
C LYS B 308 31.64 -18.87 8.37
N THR B 309 31.69 -17.62 8.81
CA THR B 309 31.08 -17.23 10.09
C THR B 309 30.39 -15.89 9.93
N PHE B 310 29.12 -15.84 10.29
CA PHE B 310 28.36 -14.60 10.18
C PHE B 310 28.40 -13.91 11.53
N ASP B 311 28.62 -12.61 11.55
CA ASP B 311 28.61 -11.89 12.83
C ASP B 311 27.15 -11.55 13.13
N THR B 312 26.61 -12.11 14.20
CA THR B 312 25.23 -11.84 14.55
C THR B 312 24.97 -11.45 15.98
N PRO B 313 25.63 -10.38 16.47
CA PRO B 313 25.44 -9.93 17.85
C PRO B 313 24.02 -9.39 18.04
N THR B 314 23.53 -9.40 19.28
CA THR B 314 24.27 -9.87 20.44
C THR B 314 24.23 -11.36 20.67
N HIS B 315 23.04 -11.92 20.83
CA HIS B 315 22.91 -13.34 21.09
C HIS B 315 22.06 -14.12 20.09
N PRO B 316 22.70 -14.81 19.13
CA PRO B 316 21.93 -15.58 18.14
C PRO B 316 21.19 -16.72 18.86
N ASN B 317 19.96 -16.97 18.46
CA ASN B 317 19.17 -17.99 19.12
C ASN B 317 18.73 -19.16 18.26
N SER B 318 17.74 -18.94 17.42
CA SER B 318 17.22 -19.98 16.56
C SER B 318 17.47 -19.76 15.07
N LEU B 319 17.27 -20.82 14.28
CA LEU B 319 17.49 -20.80 12.85
C LEU B 319 16.28 -21.30 12.06
N ALA B 320 16.13 -20.78 10.83
CA ALA B 320 15.02 -21.20 9.95
C ALA B 320 15.46 -21.02 8.49
N LEU B 321 15.03 -21.92 7.62
CA LEU B 321 15.40 -21.84 6.20
C LEU B 321 14.21 -21.64 5.29
N SER B 322 14.43 -20.97 4.17
CA SER B 322 13.35 -20.79 3.19
C SER B 322 13.16 -22.20 2.58
N ALA B 323 11.98 -22.49 2.05
CA ALA B 323 11.75 -23.82 1.49
C ALA B 323 12.80 -24.23 0.46
N ASP B 324 13.25 -23.26 -0.34
CA ASP B 324 14.24 -23.55 -1.37
C ASP B 324 15.69 -23.53 -0.88
N GLY B 325 15.87 -23.40 0.44
CA GLY B 325 17.21 -23.42 1.01
C GLY B 325 18.20 -22.33 0.63
N LYS B 326 17.73 -21.24 0.03
CA LYS B 326 18.63 -20.16 -0.37
C LYS B 326 18.64 -19.02 0.64
N THR B 327 17.68 -19.01 1.55
CA THR B 327 17.60 -17.95 2.54
C THR B 327 17.56 -18.49 3.97
N LEU B 328 18.42 -17.92 4.80
CA LEU B 328 18.55 -18.28 6.22
C LEU B 328 18.03 -17.18 7.14
N TYR B 329 17.27 -17.57 8.16
CA TYR B 329 16.71 -16.62 9.09
C TYR B 329 17.25 -16.92 10.48
N VAL B 330 17.74 -15.88 11.15
CA VAL B 330 18.32 -16.03 12.49
C VAL B 330 17.70 -15.08 13.48
N SER B 331 17.10 -15.61 14.55
CA SER B 331 16.53 -14.71 15.56
C SER B 331 17.72 -14.32 16.44
N VAL B 332 17.73 -13.07 16.88
CA VAL B 332 18.83 -12.58 17.70
C VAL B 332 18.35 -11.81 18.92
N LYS B 333 18.65 -12.35 20.08
CA LYS B 333 18.26 -11.75 21.34
C LYS B 333 19.25 -10.71 21.81
N GLN B 334 18.75 -9.74 22.58
CA GLN B 334 19.55 -8.68 23.16
C GLN B 334 20.10 -9.21 24.49
N LYS B 335 21.09 -8.53 25.05
CA LYS B 335 21.58 -8.95 26.34
C LYS B 335 20.40 -8.65 27.26
N SER B 336 20.13 -9.54 28.20
CA SER B 336 18.99 -9.32 29.07
C SER B 336 19.09 -10.25 30.27
N THR B 337 18.99 -9.68 31.46
CA THR B 337 19.07 -10.43 32.72
C THR B 337 17.78 -10.28 33.50
N LYS B 338 17.62 -11.08 34.56
CA LYS B 338 16.42 -10.96 35.36
C LYS B 338 16.41 -9.61 36.07
N GLN B 339 17.60 -9.13 36.42
CA GLN B 339 17.73 -7.84 37.09
C GLN B 339 17.56 -6.67 36.14
N GLN B 340 17.97 -6.84 34.89
CA GLN B 340 17.85 -5.76 33.93
C GLN B 340 17.45 -6.28 32.56
N GLU B 341 16.17 -6.13 32.21
CA GLU B 341 15.69 -6.60 30.91
C GLU B 341 16.15 -5.71 29.78
N ALA B 342 16.02 -6.23 28.57
CA ALA B 342 16.40 -5.48 27.39
C ALA B 342 15.31 -4.44 27.09
N THR B 343 15.72 -3.22 26.82
CA THR B 343 14.75 -2.17 26.51
C THR B 343 14.38 -2.28 25.03
N GLN B 344 15.33 -2.72 24.22
CA GLN B 344 15.11 -2.87 22.78
C GLN B 344 14.54 -4.23 22.40
N PRO B 345 13.82 -4.28 21.29
CA PRO B 345 13.25 -5.56 20.84
C PRO B 345 14.36 -6.38 20.20
N ASP B 346 14.12 -7.68 20.04
CA ASP B 346 15.12 -8.55 19.42
C ASP B 346 14.97 -8.42 17.92
N ASP B 347 15.92 -8.94 17.15
CA ASP B 347 15.80 -8.84 15.70
C ASP B 347 15.81 -10.21 15.04
N VAL B 348 15.41 -10.23 13.79
CA VAL B 348 15.48 -11.43 12.99
C VAL B 348 16.47 -10.98 11.92
N ILE B 349 17.52 -11.76 11.68
CA ILE B 349 18.47 -11.41 10.65
C ILE B 349 18.24 -12.33 9.47
N ARG B 350 18.02 -11.76 8.31
CA ARG B 350 17.79 -12.52 7.09
C ARG B 350 19.11 -12.58 6.33
N ILE B 351 19.62 -13.80 6.11
CA ILE B 351 20.88 -13.95 5.38
C ILE B 351 20.70 -14.61 4.02
N ALA B 352 20.99 -13.86 2.97
CA ALA B 352 20.88 -14.41 1.62
C ALA B 352 22.11 -15.28 1.40
N LEU B 353 21.95 -16.59 1.46
CA LEU B 353 23.07 -17.49 1.27
C LEU B 353 23.60 -17.42 -0.16
N GLU C 33 27.48 0.56 -1.36
CA GLU C 33 26.04 0.17 -1.37
C GLU C 33 25.32 0.79 -2.57
N MET C 34 25.03 -0.03 -3.57
CA MET C 34 24.37 0.45 -4.78
C MET C 34 23.05 -0.25 -5.08
N LEU C 35 22.11 0.50 -5.63
CA LEU C 35 20.81 -0.02 -5.99
C LEU C 35 20.55 0.33 -7.46
N ARG C 36 20.42 -0.69 -8.30
CA ARG C 36 20.14 -0.46 -9.70
C ARG C 36 18.70 -0.80 -9.96
N LYS C 37 17.94 0.14 -10.49
CA LYS C 37 16.54 -0.09 -10.75
C LYS C 37 16.23 0.40 -12.16
N ALA C 38 15.38 -0.33 -12.86
CA ALA C 38 15.00 0.05 -14.21
C ALA C 38 13.88 1.08 -14.14
N VAL C 39 13.88 2.01 -15.10
CA VAL C 39 12.88 3.06 -15.18
C VAL C 39 12.26 3.10 -16.57
N GLY C 40 13.05 3.42 -17.58
CA GLY C 40 12.54 3.48 -18.94
C GLY C 40 13.63 3.61 -19.98
N LYS C 41 13.24 3.69 -21.25
CA LYS C 41 14.21 3.84 -22.34
C LYS C 41 14.54 5.31 -22.57
N GLY C 42 15.79 5.56 -22.98
CA GLY C 42 16.20 6.92 -23.25
C GLY C 42 16.34 7.78 -22.01
N ALA C 43 17.11 7.31 -21.03
CA ALA C 43 17.28 8.10 -19.82
C ALA C 43 18.32 9.18 -20.03
N TYR C 44 18.08 10.33 -19.42
CA TYR C 44 18.99 11.46 -19.51
C TYR C 44 19.26 12.09 -18.17
N GLU C 45 18.91 13.36 -18.02
CA GLU C 45 19.19 14.02 -16.77
C GLU C 45 18.12 13.87 -15.69
N MET C 46 18.46 14.31 -14.48
CA MET C 46 17.56 14.20 -13.34
C MET C 46 17.49 15.45 -12.49
N ALA C 47 16.57 15.48 -11.54
CA ALA C 47 16.43 16.61 -10.64
C ALA C 47 15.90 16.08 -9.32
N TYR C 48 16.39 16.64 -8.22
CA TYR C 48 15.96 16.20 -6.90
C TYR C 48 15.23 17.33 -6.18
N SER C 49 14.32 16.97 -5.29
CA SER C 49 13.59 17.94 -4.51
C SER C 49 13.46 17.41 -3.09
N GLN C 50 13.97 18.19 -2.16
CA GLN C 50 13.90 17.83 -0.76
C GLN C 50 12.46 17.87 -0.30
N GLN C 51 11.73 18.90 -0.73
CA GLN C 51 10.32 19.09 -0.35
C GLN C 51 9.41 17.96 -0.76
N GLU C 52 9.52 17.55 -2.02
CA GLU C 52 8.69 16.49 -2.56
C GLU C 52 9.27 15.14 -2.21
N ASN C 53 10.48 15.14 -1.67
CA ASN C 53 11.16 13.91 -1.33
C ASN C 53 11.02 13.02 -2.57
N ALA C 54 11.54 13.52 -3.69
CA ALA C 54 11.45 12.83 -4.96
C ALA C 54 12.61 13.14 -5.89
N LEU C 55 12.83 12.23 -6.83
CA LEU C 55 13.89 12.37 -7.81
C LEU C 55 13.22 12.15 -9.15
N TRP C 56 13.36 13.09 -10.09
CA TRP C 56 12.77 12.92 -11.41
C TRP C 56 13.81 12.54 -12.43
N LEU C 57 13.39 11.78 -13.44
CA LEU C 57 14.28 11.35 -14.52
C LEU C 57 13.64 11.69 -15.85
N ALA C 58 14.38 12.35 -16.73
CA ALA C 58 13.89 12.69 -18.06
C ALA C 58 14.20 11.53 -19.00
N THR C 59 13.21 11.09 -19.77
CA THR C 59 13.44 9.99 -20.72
C THR C 59 12.78 10.32 -22.03
N SER C 60 13.47 10.00 -23.12
CA SER C 60 12.94 10.26 -24.45
C SER C 60 12.27 9.03 -25.02
N GLN C 61 12.20 7.97 -24.22
CA GLN C 61 11.59 6.70 -24.61
C GLN C 61 12.27 6.19 -25.88
N SER C 62 11.64 5.27 -26.59
CA SER C 62 12.22 4.72 -27.81
C SER C 62 12.29 5.75 -28.93
N ARG C 63 13.38 5.73 -29.67
CA ARG C 63 13.56 6.69 -30.74
C ARG C 63 12.71 6.40 -31.97
N LYS C 64 12.55 5.12 -32.31
CA LYS C 64 11.79 4.75 -33.49
C LYS C 64 10.42 4.14 -33.17
N LEU C 65 9.99 4.29 -31.93
CA LEU C 65 8.72 3.73 -31.53
C LEU C 65 7.85 4.77 -30.85
N ASP C 66 8.49 5.70 -30.15
CA ASP C 66 7.76 6.71 -29.42
C ASP C 66 7.90 8.11 -29.97
N LYS C 67 6.79 8.82 -29.92
CA LYS C 67 6.70 10.22 -30.32
C LYS C 67 6.49 10.81 -28.94
N GLY C 68 7.30 11.79 -28.57
CA GLY C 68 7.17 12.39 -27.25
C GLY C 68 7.99 11.57 -26.27
N GLY C 69 7.76 11.79 -24.98
CA GLY C 69 8.51 11.05 -23.97
C GLY C 69 7.87 11.04 -22.59
N VAL C 70 8.62 10.62 -21.58
CA VAL C 70 8.10 10.54 -20.24
C VAL C 70 9.04 11.06 -19.15
N VAL C 71 8.50 11.88 -18.24
CA VAL C 71 9.27 12.35 -17.10
C VAL C 71 8.75 11.48 -15.96
N TYR C 72 9.64 10.73 -15.32
CA TYR C 72 9.28 9.83 -14.21
C TYR C 72 9.61 10.39 -12.82
N ARG C 73 8.68 10.25 -11.89
CA ARG C 73 8.88 10.71 -10.51
C ARG C 73 9.28 9.45 -9.74
N LEU C 74 10.47 9.46 -9.13
CA LEU C 74 10.97 8.27 -8.44
C LEU C 74 11.19 8.41 -6.93
N ASP C 75 10.93 7.33 -6.19
CA ASP C 75 11.15 7.37 -4.75
C ASP C 75 12.66 7.43 -4.53
N PRO C 76 13.14 8.37 -3.71
CA PRO C 76 14.56 8.55 -3.42
C PRO C 76 15.26 7.35 -2.83
N VAL C 77 14.52 6.49 -2.14
CA VAL C 77 15.12 5.31 -1.53
C VAL C 77 15.03 4.05 -2.36
N THR C 78 13.82 3.69 -2.79
CA THR C 78 13.60 2.48 -3.60
C THR C 78 13.69 2.67 -5.11
N LEU C 79 13.55 3.90 -5.55
CA LEU C 79 13.59 4.23 -6.97
C LEU C 79 12.37 3.71 -7.75
N GLU C 80 11.31 3.31 -7.03
CA GLU C 80 10.09 2.85 -7.70
C GLU C 80 9.39 4.07 -8.32
N VAL C 81 8.73 3.88 -9.46
CA VAL C 81 8.04 4.97 -10.12
C VAL C 81 6.77 5.36 -9.38
N THR C 82 6.73 6.59 -8.85
CA THR C 82 5.54 7.05 -8.16
C THR C 82 4.63 7.86 -9.10
N GLN C 83 5.19 8.32 -10.21
CA GLN C 83 4.42 9.08 -11.21
C GLN C 83 5.08 9.02 -12.59
N ALA C 84 4.24 9.00 -13.62
CA ALA C 84 4.70 8.96 -15.00
C ALA C 84 4.06 10.12 -15.75
N ILE C 85 4.84 11.15 -16.03
CA ILE C 85 4.32 12.31 -16.73
C ILE C 85 4.55 12.21 -18.23
N HIS C 86 3.45 12.07 -18.97
CA HIS C 86 3.56 11.97 -20.42
C HIS C 86 3.74 13.33 -21.07
N ASN C 87 4.73 13.46 -21.93
CA ASN C 87 5.03 14.70 -22.61
C ASN C 87 4.95 14.64 -24.13
N ASP C 88 4.35 15.68 -24.72
CA ASP C 88 4.23 15.79 -26.18
C ASP C 88 5.62 15.73 -26.80
N LEU C 89 6.53 16.56 -26.27
CA LEU C 89 7.92 16.65 -26.73
C LEU C 89 8.83 15.87 -25.81
N LYS C 90 9.83 15.20 -26.40
CA LYS C 90 10.80 14.42 -25.61
C LYS C 90 11.68 15.32 -24.75
N PRO C 91 11.80 14.98 -23.46
CA PRO C 91 12.62 15.72 -22.49
C PRO C 91 14.02 15.12 -22.41
N PHE C 92 15.04 15.98 -22.29
CA PHE C 92 16.43 15.53 -22.19
C PHE C 92 17.14 16.19 -21.01
N GLY C 93 17.44 17.48 -21.13
CA GLY C 93 18.10 18.17 -20.05
C GLY C 93 17.11 18.45 -18.94
N ALA C 94 17.58 18.45 -17.70
CA ALA C 94 16.70 18.70 -16.56
C ALA C 94 17.31 19.62 -15.53
N THR C 95 16.44 20.27 -14.77
CA THR C 95 16.84 21.17 -13.69
C THR C 95 15.59 21.53 -12.92
N ILE C 96 15.76 21.98 -11.69
CA ILE C 96 14.62 22.35 -10.88
C ILE C 96 14.86 23.65 -10.13
N ASN C 97 13.82 24.47 -10.05
CA ASN C 97 13.88 25.72 -9.32
C ASN C 97 13.34 25.29 -7.96
N ASN C 98 14.18 25.33 -6.93
CA ASN C 98 13.74 24.92 -5.61
C ASN C 98 12.76 25.87 -4.93
N THR C 99 12.80 27.14 -5.30
CA THR C 99 11.88 28.08 -4.71
C THR C 99 10.48 27.85 -5.24
N THR C 100 10.34 27.94 -6.56
CA THR C 100 9.05 27.74 -7.22
C THR C 100 8.64 26.28 -7.32
N GLN C 101 9.60 25.39 -7.04
CA GLN C 101 9.39 23.94 -7.14
C GLN C 101 8.88 23.58 -8.53
N THR C 102 9.51 24.14 -9.55
CA THR C 102 9.13 23.88 -10.92
C THR C 102 10.24 23.15 -11.67
N LEU C 103 9.84 22.13 -12.42
CA LEU C 103 10.79 21.36 -13.20
C LEU C 103 11.00 21.98 -14.56
N TRP C 104 12.25 22.04 -15.00
CA TRP C 104 12.56 22.60 -16.30
C TRP C 104 13.30 21.54 -17.11
N PHE C 105 12.74 21.23 -18.27
CA PHE C 105 13.31 20.21 -19.15
C PHE C 105 13.67 20.67 -20.54
N GLY C 106 14.85 20.26 -20.98
CA GLY C 106 15.30 20.62 -22.32
C GLY C 106 14.77 19.69 -23.40
N ASN C 107 14.01 20.24 -24.35
CA ASN C 107 13.46 19.45 -25.44
C ASN C 107 14.41 19.53 -26.61
N THR C 108 15.54 18.84 -26.48
CA THR C 108 16.56 18.86 -27.49
C THR C 108 16.14 18.79 -28.96
N VAL C 109 15.52 17.68 -29.35
CA VAL C 109 15.12 17.53 -30.74
C VAL C 109 13.90 18.32 -31.19
N ASN C 110 13.54 19.37 -30.44
CA ASN C 110 12.40 20.20 -30.82
C ASN C 110 12.71 21.64 -30.51
N SER C 111 13.98 21.91 -30.19
CA SER C 111 14.45 23.25 -29.85
C SER C 111 13.48 23.97 -28.94
N ALA C 112 13.23 23.41 -27.75
CA ALA C 112 12.30 24.04 -26.83
C ALA C 112 12.56 23.63 -25.39
N VAL C 113 11.87 24.29 -24.48
CA VAL C 113 12.01 23.97 -23.07
C VAL C 113 10.60 23.76 -22.52
N THR C 114 10.50 22.87 -21.53
CA THR C 114 9.23 22.55 -20.92
C THR C 114 9.28 22.76 -19.42
N ALA C 115 8.19 23.30 -18.88
CA ALA C 115 8.10 23.56 -17.46
C ALA C 115 7.00 22.66 -16.87
N ILE C 116 7.35 21.95 -15.79
CA ILE C 116 6.41 21.07 -15.11
C ILE C 116 6.36 21.32 -13.60
N ASP C 117 5.15 21.38 -13.06
CA ASP C 117 4.91 21.59 -11.62
C ASP C 117 5.41 20.36 -10.86
N ALA C 118 6.48 20.52 -10.08
CA ALA C 118 7.03 19.39 -9.36
C ALA C 118 6.04 18.71 -8.43
N LYS C 119 5.25 19.53 -7.75
CA LYS C 119 4.27 19.03 -6.79
C LYS C 119 3.16 18.17 -7.41
N THR C 120 2.56 18.66 -8.49
CA THR C 120 1.46 17.97 -9.15
C THR C 120 1.77 17.20 -10.42
N GLY C 121 2.94 17.44 -11.01
CA GLY C 121 3.30 16.74 -12.24
C GLY C 121 2.60 17.28 -13.48
N GLU C 122 1.99 18.46 -13.37
CA GLU C 122 1.30 19.05 -14.51
C GLU C 122 2.25 19.82 -15.41
N VAL C 123 2.11 19.62 -16.71
CA VAL C 123 2.93 20.32 -17.70
C VAL C 123 2.38 21.75 -17.76
N LYS C 124 3.10 22.71 -17.19
CA LYS C 124 2.66 24.10 -17.17
C LYS C 124 2.72 24.83 -18.53
N GLY C 125 3.62 24.41 -19.42
CA GLY C 125 3.71 25.05 -20.72
C GLY C 125 5.07 24.88 -21.36
N ARG C 126 5.19 25.31 -22.61
CA ARG C 126 6.46 25.20 -23.31
C ARG C 126 6.86 26.50 -24.01
N LEU C 127 8.07 26.50 -24.56
CA LEU C 127 8.59 27.66 -25.27
C LEU C 127 9.55 27.19 -26.34
N VAL C 128 9.20 27.40 -27.61
CA VAL C 128 10.08 27.01 -28.70
C VAL C 128 11.20 28.04 -28.71
N LEU C 129 12.43 27.56 -28.51
CA LEU C 129 13.59 28.43 -28.43
C LEU C 129 14.16 28.81 -29.81
N ASP C 130 13.95 27.95 -30.79
CA ASP C 130 14.43 28.16 -32.16
C ASP C 130 13.43 27.49 -33.09
N ASP C 131 12.53 28.27 -33.66
CA ASP C 131 11.48 27.73 -34.53
C ASP C 131 11.83 27.37 -35.97
N ARG C 132 13.03 27.73 -36.43
CA ARG C 132 13.43 27.44 -37.79
C ARG C 132 13.41 25.96 -38.14
N LYS C 133 13.09 25.64 -39.39
CA LYS C 133 13.05 24.25 -39.84
C LYS C 133 14.40 23.83 -40.40
N ARG C 134 14.74 22.55 -40.21
CA ARG C 134 16.01 22.01 -40.70
C ARG C 134 16.14 22.02 -42.22
N THR C 135 17.35 22.28 -42.69
CA THR C 135 17.64 22.30 -44.13
C THR C 135 19.09 21.90 -44.26
N GLU C 136 19.67 22.12 -45.43
CA GLU C 136 21.07 21.79 -45.63
C GLU C 136 21.94 23.03 -45.39
N GLU C 137 21.29 24.14 -45.07
CA GLU C 137 21.98 25.39 -44.78
C GLU C 137 21.72 25.74 -43.32
N VAL C 138 20.45 25.68 -42.93
CA VAL C 138 20.06 25.98 -41.55
C VAL C 138 19.81 24.72 -40.74
N ARG C 139 20.37 24.74 -39.53
CA ARG C 139 20.27 23.66 -38.55
C ARG C 139 19.94 24.42 -37.26
N PRO C 140 18.69 24.32 -36.78
CA PRO C 140 18.30 25.03 -35.56
C PRO C 140 19.14 24.72 -34.32
N LEU C 141 19.27 25.72 -33.47
CA LEU C 141 20.01 25.57 -32.23
C LEU C 141 19.19 24.71 -31.27
N GLN C 142 19.84 23.76 -30.61
CA GLN C 142 19.13 22.89 -29.69
C GLN C 142 19.55 23.05 -28.24
N PRO C 143 18.56 23.02 -27.32
CA PRO C 143 18.82 23.14 -25.89
C PRO C 143 19.66 21.97 -25.42
N ARG C 144 20.54 22.23 -24.47
CA ARG C 144 21.42 21.20 -23.95
C ARG C 144 21.31 21.12 -22.43
N GLU C 145 22.03 21.99 -21.73
CA GLU C 145 21.97 22.00 -20.27
C GLU C 145 21.02 23.11 -19.82
N LEU C 146 20.58 23.03 -18.56
CA LEU C 146 19.68 24.05 -18.00
C LEU C 146 19.96 24.25 -16.52
N VAL C 147 19.89 25.50 -16.08
CA VAL C 147 20.08 25.83 -14.67
C VAL C 147 19.09 26.93 -14.36
N ALA C 148 18.60 26.94 -13.14
CA ALA C 148 17.63 27.96 -12.74
C ALA C 148 18.18 28.78 -11.59
N ASP C 149 17.94 30.09 -11.60
CA ASP C 149 18.39 30.95 -10.53
C ASP C 149 17.17 30.99 -9.60
N ASP C 150 17.29 30.33 -8.46
CA ASP C 150 16.18 30.25 -7.50
C ASP C 150 15.69 31.62 -7.03
N ALA C 151 16.63 32.55 -6.95
CA ALA C 151 16.35 33.90 -6.48
C ALA C 151 15.61 34.83 -7.43
N THR C 152 15.81 34.68 -8.73
CA THR C 152 15.14 35.58 -9.69
C THR C 152 14.16 34.84 -10.60
N ASN C 153 13.98 33.55 -10.34
CA ASN C 153 13.11 32.69 -11.15
C ASN C 153 13.45 32.89 -12.62
N THR C 154 14.72 32.72 -12.93
CA THR C 154 15.23 32.85 -14.28
C THR C 154 15.86 31.51 -14.67
N VAL C 155 15.53 31.02 -15.86
CA VAL C 155 16.09 29.75 -16.31
C VAL C 155 17.07 30.04 -17.45
N TYR C 156 18.31 29.59 -17.28
CA TYR C 156 19.32 29.77 -18.31
C TYR C 156 19.44 28.44 -19.03
N ILE C 157 19.42 28.50 -20.36
CA ILE C 157 19.52 27.30 -21.17
C ILE C 157 20.58 27.46 -22.24
N SER C 158 21.51 26.51 -22.31
CA SER C 158 22.54 26.59 -23.33
C SER C 158 22.04 25.95 -24.61
N GLY C 159 21.98 26.74 -25.68
CA GLY C 159 21.55 26.24 -26.97
C GLY C 159 22.77 26.10 -27.85
N ILE C 160 23.13 24.86 -28.15
CA ILE C 160 24.31 24.60 -28.95
C ILE C 160 24.12 24.60 -30.47
N GLY C 161 25.25 24.73 -31.16
CA GLY C 161 25.29 24.78 -32.61
C GLY C 161 26.68 25.26 -33.02
N LYS C 162 26.88 25.60 -34.29
CA LYS C 162 28.18 26.08 -34.73
C LYS C 162 28.44 27.34 -33.93
N GLU C 163 27.44 28.22 -33.92
CA GLU C 163 27.51 29.48 -33.18
C GLU C 163 26.47 29.42 -32.05
N SER C 164 26.92 28.94 -30.90
CA SER C 164 26.07 28.77 -29.71
C SER C 164 25.57 30.05 -29.05
N VAL C 165 24.59 29.89 -28.18
CA VAL C 165 24.02 31.00 -27.42
C VAL C 165 23.55 30.45 -26.08
N ILE C 166 22.93 31.31 -25.29
CA ILE C 166 22.41 30.93 -23.99
C ILE C 166 21.10 31.65 -23.84
N TRP C 167 20.01 30.90 -23.90
CA TRP C 167 18.69 31.47 -23.77
C TRP C 167 18.40 31.77 -22.31
N VAL C 168 17.97 33.01 -22.07
CA VAL C 168 17.62 33.45 -20.73
C VAL C 168 16.12 33.57 -20.69
N VAL C 169 15.47 32.54 -20.14
CA VAL C 169 14.01 32.49 -20.05
C VAL C 169 13.44 32.93 -18.71
N ASP C 170 12.30 33.61 -18.75
CA ASP C 170 11.63 34.09 -17.55
C ASP C 170 10.74 33.00 -16.97
N GLY C 171 11.16 32.46 -15.83
CA GLY C 171 10.40 31.41 -15.19
C GLY C 171 8.99 31.85 -14.86
N GLY C 172 8.76 33.15 -14.82
CA GLY C 172 7.43 33.64 -14.50
C GLY C 172 6.34 33.30 -15.48
N ASN C 173 6.54 33.65 -16.75
CA ASN C 173 5.52 33.39 -17.76
C ASN C 173 5.98 32.47 -18.88
N ILE C 174 7.17 31.88 -18.74
CA ILE C 174 7.72 30.98 -19.76
C ILE C 174 7.89 31.71 -21.09
N LYS C 175 8.50 32.89 -21.01
CA LYS C 175 8.76 33.71 -22.18
C LYS C 175 10.25 34.00 -22.22
N LEU C 176 10.77 34.22 -23.41
CA LEU C 176 12.20 34.50 -23.59
C LEU C 176 12.52 35.94 -23.20
N LYS C 177 13.56 36.12 -22.39
CA LYS C 177 13.98 37.46 -21.98
C LYS C 177 14.98 37.99 -23.01
N THR C 178 16.01 37.18 -23.25
CA THR C 178 17.05 37.55 -24.23
C THR C 178 17.82 36.28 -24.61
N ALA C 179 18.81 36.44 -25.48
CA ALA C 179 19.63 35.33 -25.89
C ALA C 179 21.07 35.83 -25.91
N ILE C 180 21.85 35.47 -24.91
CA ILE C 180 23.25 35.87 -24.86
C ILE C 180 23.93 35.23 -26.07
N GLN C 181 24.50 36.06 -26.94
CA GLN C 181 25.14 35.59 -28.16
C GLN C 181 26.63 35.28 -28.11
N ASN C 182 27.08 34.67 -29.19
CA ASN C 182 28.49 34.33 -29.40
C ASN C 182 29.20 33.58 -28.28
N THR C 183 28.76 32.37 -27.95
CA THR C 183 29.44 31.63 -26.90
C THR C 183 30.42 30.60 -27.46
N GLY C 184 30.56 30.59 -28.78
CA GLY C 184 31.49 29.68 -29.43
C GLY C 184 30.83 28.47 -30.05
N LYS C 185 31.65 27.50 -30.44
CA LYS C 185 31.16 26.28 -31.05
C LYS C 185 30.84 25.26 -29.97
N MET C 186 29.63 24.73 -30.01
CA MET C 186 29.20 23.73 -29.02
C MET C 186 29.44 24.15 -27.56
N SER C 187 28.88 25.29 -27.17
CA SER C 187 29.04 25.75 -25.80
C SER C 187 27.97 25.01 -25.00
N THR C 188 28.26 23.75 -24.70
CA THR C 188 27.31 22.92 -23.98
C THR C 188 27.26 23.17 -22.48
N GLY C 189 28.42 23.28 -21.84
CA GLY C 189 28.47 23.50 -20.42
C GLY C 189 27.68 24.69 -19.88
N LEU C 190 27.18 24.55 -18.65
CA LEU C 190 26.41 25.62 -18.04
C LEU C 190 26.29 25.41 -16.53
N ALA C 191 26.85 26.34 -15.77
CA ALA C 191 26.84 26.30 -14.31
C ALA C 191 26.44 27.69 -13.82
N LEU C 192 25.82 27.78 -12.65
CA LEU C 192 25.38 29.07 -12.12
C LEU C 192 25.82 29.35 -10.68
N ASP C 193 26.00 30.64 -10.37
CA ASP C 193 26.36 31.08 -9.03
C ASP C 193 25.34 32.18 -8.72
N SER C 194 24.19 31.79 -8.18
CA SER C 194 23.13 32.75 -7.87
C SER C 194 23.66 33.89 -7.02
N GLU C 195 24.35 33.54 -5.95
CA GLU C 195 24.91 34.52 -5.03
C GLU C 195 25.76 35.56 -5.75
N GLY C 196 26.89 35.11 -6.30
CA GLY C 196 27.79 36.00 -7.01
C GLY C 196 27.30 36.54 -8.35
N LYS C 197 26.03 36.31 -8.68
CA LYS C 197 25.45 36.76 -9.94
C LYS C 197 26.32 36.45 -11.18
N ARG C 198 26.94 35.27 -11.21
CA ARG C 198 27.79 34.85 -12.32
C ARG C 198 27.30 33.56 -12.99
N LEU C 199 27.27 33.55 -14.32
CA LEU C 199 26.85 32.37 -15.09
C LEU C 199 28.05 31.88 -15.89
N TYR C 200 28.38 30.60 -15.80
CA TYR C 200 29.53 30.10 -16.54
C TYR C 200 29.12 29.15 -17.66
N THR C 201 29.96 29.02 -18.69
CA THR C 201 29.69 28.09 -19.78
C THR C 201 31.00 27.69 -20.43
N THR C 202 31.09 26.42 -20.84
CA THR C 202 32.28 25.88 -21.47
C THR C 202 31.92 25.38 -22.88
N ASN C 203 32.92 25.21 -23.73
CA ASN C 203 32.64 24.79 -25.11
C ASN C 203 33.69 23.97 -25.83
N ALA C 204 33.40 23.71 -27.10
CA ALA C 204 34.28 22.94 -27.97
C ALA C 204 35.49 23.76 -28.40
N ASP C 205 35.39 25.08 -28.30
CA ASP C 205 36.50 25.94 -28.67
C ASP C 205 37.52 25.97 -27.52
N GLY C 206 37.27 25.16 -26.49
CA GLY C 206 38.18 25.11 -25.36
C GLY C 206 38.13 26.32 -24.43
N GLU C 207 37.12 27.18 -24.61
CA GLU C 207 36.97 28.37 -23.79
C GLU C 207 36.14 28.16 -22.51
N LEU C 208 36.31 29.07 -21.56
CA LEU C 208 35.54 29.09 -20.32
C LEU C 208 34.97 30.49 -20.30
N ILE C 209 33.70 30.61 -20.63
CA ILE C 209 33.07 31.91 -20.67
C ILE C 209 32.37 32.25 -19.34
N THR C 210 32.55 33.50 -18.89
CA THR C 210 31.94 34.00 -17.66
C THR C 210 30.97 35.11 -18.03
N ILE C 211 29.75 35.04 -17.49
CA ILE C 211 28.72 36.01 -17.79
C ILE C 211 28.13 36.63 -16.54
N ASP C 212 27.94 37.94 -16.56
CA ASP C 212 27.34 38.62 -15.42
C ASP C 212 25.83 38.50 -15.59
N THR C 213 25.19 37.78 -14.68
CA THR C 213 23.75 37.55 -14.73
C THR C 213 22.92 38.82 -14.51
N ALA C 214 23.55 39.85 -13.96
CA ALA C 214 22.85 41.11 -13.73
C ALA C 214 22.44 41.81 -15.02
N ASP C 215 23.24 41.67 -16.07
CA ASP C 215 22.96 42.30 -17.38
C ASP C 215 23.13 41.35 -18.57
N ASN C 216 23.38 40.07 -18.30
CA ASN C 216 23.55 39.06 -19.35
C ASN C 216 24.66 39.41 -20.35
N LYS C 217 25.78 39.91 -19.84
CA LYS C 217 26.90 40.26 -20.69
C LYS C 217 28.10 39.42 -20.39
N ILE C 218 28.73 38.91 -21.44
CA ILE C 218 29.91 38.09 -21.27
C ILE C 218 31.01 38.96 -20.66
N LEU C 219 31.40 38.66 -19.43
CA LEU C 219 32.44 39.43 -18.76
C LEU C 219 33.83 39.04 -19.22
N SER C 220 34.02 37.76 -19.56
CA SER C 220 35.32 37.31 -19.99
C SER C 220 35.37 35.87 -20.45
N ARG C 221 35.99 35.64 -21.60
CA ARG C 221 36.13 34.29 -22.11
C ARG C 221 37.61 34.00 -22.02
N LYS C 222 38.00 32.74 -22.07
CA LYS C 222 39.41 32.38 -21.96
C LYS C 222 39.72 30.95 -22.39
N LYS C 223 40.80 30.78 -23.15
CA LYS C 223 41.22 29.45 -23.58
C LYS C 223 41.83 28.86 -22.30
N LEU C 224 41.34 27.73 -21.84
CA LEU C 224 41.87 27.15 -20.61
C LEU C 224 43.24 26.51 -20.77
N LEU C 225 43.41 25.67 -21.79
CA LEU C 225 44.68 24.99 -22.02
C LEU C 225 45.38 25.46 -23.28
N ASP C 226 46.68 25.16 -23.37
CA ASP C 226 47.46 25.59 -24.53
C ASP C 226 48.27 24.48 -25.21
N ASP C 227 48.14 23.25 -24.73
CA ASP C 227 48.89 22.14 -25.30
C ASP C 227 48.56 21.86 -26.77
N GLY C 228 48.10 22.89 -27.48
CA GLY C 228 47.76 22.73 -28.88
C GLY C 228 46.60 21.77 -29.13
N LYS C 229 46.64 20.61 -28.46
CA LYS C 229 45.59 19.59 -28.61
C LYS C 229 44.17 20.16 -28.51
N GLU C 230 43.21 19.37 -28.98
CA GLU C 230 41.81 19.77 -28.95
C GLU C 230 41.08 19.38 -27.68
N HIS C 231 40.35 20.35 -27.14
CA HIS C 231 39.60 20.15 -25.91
C HIS C 231 38.14 20.55 -26.05
N PHE C 232 37.27 19.66 -25.61
CA PHE C 232 35.84 19.93 -25.61
C PHE C 232 35.44 19.85 -24.16
N PHE C 233 35.08 20.99 -23.58
CA PHE C 233 34.68 21.04 -22.19
C PHE C 233 33.15 20.97 -22.16
N ILE C 234 32.65 19.74 -22.14
CA ILE C 234 31.20 19.47 -22.15
C ILE C 234 30.45 20.01 -20.96
N ASN C 235 30.93 19.69 -19.76
CA ASN C 235 30.24 20.15 -18.57
C ASN C 235 31.08 20.88 -17.52
N ILE C 236 30.38 21.53 -16.60
CA ILE C 236 31.04 22.28 -15.55
C ILE C 236 30.18 22.32 -14.30
N SER C 237 30.79 22.07 -13.14
CA SER C 237 30.08 22.13 -11.87
C SER C 237 30.85 23.09 -10.97
N LEU C 238 30.13 23.84 -10.14
CA LEU C 238 30.74 24.83 -9.27
C LEU C 238 30.85 24.55 -7.79
N ASP C 239 31.93 25.09 -7.21
CA ASP C 239 32.19 25.04 -5.78
C ASP C 239 32.30 26.52 -5.43
N THR C 240 31.18 27.22 -5.54
CA THR C 240 31.11 28.65 -5.28
C THR C 240 31.79 29.05 -3.98
N ALA C 241 31.70 28.19 -2.97
CA ALA C 241 32.31 28.47 -1.68
C ALA C 241 33.80 28.78 -1.83
N ARG C 242 34.52 27.96 -2.61
CA ARG C 242 35.95 28.20 -2.79
C ARG C 242 36.24 28.79 -4.18
N GLN C 243 35.18 29.23 -4.85
CA GLN C 243 35.31 29.80 -6.19
C GLN C 243 36.09 28.91 -7.14
N ARG C 244 35.73 27.64 -7.17
CA ARG C 244 36.35 26.66 -8.05
C ARG C 244 35.31 26.19 -9.04
N ALA C 245 35.79 25.59 -10.13
CA ALA C 245 34.92 25.07 -11.16
C ALA C 245 35.54 23.78 -11.65
N PHE C 246 34.77 22.69 -11.63
CA PHE C 246 35.27 21.41 -12.12
C PHE C 246 34.73 21.29 -13.54
N ILE C 247 35.66 21.15 -14.49
CA ILE C 247 35.30 21.09 -15.90
C ILE C 247 35.75 19.81 -16.59
N THR C 248 34.80 19.07 -17.15
CA THR C 248 35.12 17.83 -17.84
C THR C 248 35.57 18.06 -19.26
N ASP C 249 36.16 17.01 -19.83
CA ASP C 249 36.65 17.05 -21.20
C ASP C 249 36.38 15.69 -21.86
N SER C 250 35.72 15.71 -23.01
CA SER C 250 35.40 14.45 -23.71
C SER C 250 36.55 14.03 -24.61
N LYS C 251 37.47 14.96 -24.85
CA LYS C 251 38.63 14.72 -25.70
C LYS C 251 39.97 14.68 -24.95
N ALA C 252 39.94 14.28 -23.69
CA ALA C 252 41.14 14.20 -22.85
C ALA C 252 40.81 13.43 -21.59
N ALA C 253 41.79 12.69 -21.06
CA ALA C 253 41.56 11.90 -19.86
C ALA C 253 41.96 12.69 -18.61
N GLU C 254 41.48 13.92 -18.51
CA GLU C 254 41.80 14.74 -17.36
C GLU C 254 40.69 15.75 -17.08
N VAL C 255 40.33 15.88 -15.81
CA VAL C 255 39.30 16.81 -15.40
C VAL C 255 40.02 18.06 -14.88
N LEU C 256 39.55 19.22 -15.29
CA LEU C 256 40.16 20.47 -14.88
C LEU C 256 39.46 21.16 -13.70
N VAL C 257 40.26 21.58 -12.71
CA VAL C 257 39.73 22.31 -11.55
C VAL C 257 40.21 23.72 -11.82
N VAL C 258 39.30 24.65 -12.06
CA VAL C 258 39.67 26.02 -12.37
C VAL C 258 39.23 27.04 -11.32
N ASP C 259 39.90 28.19 -11.31
CA ASP C 259 39.60 29.29 -10.39
C ASP C 259 38.57 30.16 -11.11
N THR C 260 37.34 30.18 -10.61
CA THR C 260 36.27 30.94 -11.23
C THR C 260 36.52 32.44 -11.37
N ARG C 261 37.59 32.94 -10.75
CA ARG C 261 37.91 34.37 -10.80
C ARG C 261 38.75 34.80 -11.99
N ASN C 262 39.60 33.90 -12.47
CA ASN C 262 40.50 34.21 -13.58
C ASN C 262 40.60 33.13 -14.66
N GLY C 263 40.51 31.87 -14.25
CA GLY C 263 40.59 30.78 -15.22
C GLY C 263 41.89 30.01 -15.08
N ASN C 264 42.57 30.17 -13.96
CA ASN C 264 43.83 29.48 -13.73
C ASN C 264 43.63 28.02 -13.30
N ILE C 265 44.36 27.13 -13.95
CA ILE C 265 44.27 25.72 -13.63
C ILE C 265 44.73 25.50 -12.20
N LEU C 266 43.83 25.03 -11.35
CA LEU C 266 44.16 24.76 -9.95
C LEU C 266 44.65 23.33 -9.82
N ALA C 267 44.29 22.50 -10.80
CA ALA C 267 44.68 21.09 -10.81
C ALA C 267 44.20 20.37 -12.06
N LYS C 268 44.85 19.24 -12.35
CA LYS C 268 44.50 18.44 -13.52
C LYS C 268 44.35 17.00 -13.08
N VAL C 269 43.13 16.59 -12.75
CA VAL C 269 42.87 15.25 -12.28
C VAL C 269 42.88 14.22 -13.41
N ALA C 270 43.64 13.15 -13.22
CA ALA C 270 43.72 12.10 -14.23
C ALA C 270 42.52 11.20 -14.07
N ALA C 271 41.89 10.86 -15.19
CA ALA C 271 40.72 9.97 -15.18
C ALA C 271 40.28 9.71 -16.62
N PRO C 272 39.46 8.67 -16.84
CA PRO C 272 38.99 8.35 -18.19
C PRO C 272 38.32 9.57 -18.83
N GLU C 273 38.10 9.56 -20.14
CA GLU C 273 37.44 10.70 -20.75
C GLU C 273 36.13 10.88 -19.98
N SER C 274 35.81 12.11 -19.64
CA SER C 274 34.62 12.38 -18.85
C SER C 274 33.49 13.10 -19.58
N LEU C 275 32.29 12.99 -19.03
CA LEU C 275 31.10 13.60 -19.61
C LEU C 275 30.45 14.56 -18.63
N ALA C 276 29.74 14.03 -17.65
CA ALA C 276 29.06 14.84 -16.67
C ALA C 276 29.88 14.94 -15.39
N VAL C 277 29.74 16.07 -14.69
CA VAL C 277 30.45 16.29 -13.44
C VAL C 277 29.51 16.95 -12.45
N LEU C 278 29.70 16.62 -11.18
CA LEU C 278 28.85 17.17 -10.14
C LEU C 278 29.67 17.34 -8.87
N PHE C 279 29.73 18.58 -8.37
CA PHE C 279 30.48 18.86 -7.16
C PHE C 279 29.58 18.72 -5.96
N ASN C 280 30.08 18.10 -4.90
CA ASN C 280 29.31 17.90 -3.69
C ASN C 280 29.93 18.65 -2.51
N PRO C 281 29.39 19.84 -2.18
CA PRO C 281 29.91 20.64 -1.08
C PRO C 281 29.98 19.86 0.20
N ALA C 282 28.90 19.14 0.50
CA ALA C 282 28.80 18.35 1.72
C ALA C 282 29.99 17.45 2.02
N ARG C 283 30.64 16.92 0.98
CA ARG C 283 31.78 16.02 1.18
C ARG C 283 33.03 16.44 0.41
N ASN C 284 33.12 17.72 0.06
CA ASN C 284 34.24 18.23 -0.71
C ASN C 284 34.83 17.18 -1.66
N GLU C 285 34.04 16.84 -2.67
CA GLU C 285 34.43 15.89 -3.71
C GLU C 285 33.53 16.07 -4.94
N ALA C 286 34.04 15.68 -6.12
CA ALA C 286 33.30 15.82 -7.38
C ALA C 286 33.13 14.46 -8.08
N TYR C 287 31.93 14.20 -8.60
CA TYR C 287 31.63 12.94 -9.30
C TYR C 287 31.64 13.15 -10.81
N VAL C 288 32.21 12.17 -11.50
CA VAL C 288 32.34 12.24 -12.94
C VAL C 288 31.86 10.96 -13.65
N THR C 289 31.09 11.15 -14.72
CA THR C 289 30.62 9.99 -15.48
C THR C 289 31.58 9.74 -16.66
N HIS C 290 31.90 8.48 -16.91
CA HIS C 290 32.77 8.10 -18.02
C HIS C 290 31.90 7.23 -18.94
N ARG C 291 31.12 7.90 -19.78
CA ARG C 291 30.18 7.26 -20.70
C ARG C 291 30.65 5.95 -21.32
N GLN C 292 31.66 6.00 -22.19
CA GLN C 292 32.14 4.80 -22.86
C GLN C 292 32.86 3.78 -21.99
N ALA C 293 33.39 4.20 -20.85
CA ALA C 293 34.11 3.30 -19.97
C ALA C 293 33.15 2.54 -19.07
N GLY C 294 31.96 3.10 -18.86
CA GLY C 294 30.98 2.47 -18.01
C GLY C 294 31.35 2.59 -16.54
N LYS C 295 31.98 3.72 -16.20
CA LYS C 295 32.40 3.95 -14.82
C LYS C 295 32.17 5.38 -14.37
N VAL C 296 32.12 5.57 -13.06
CA VAL C 296 31.92 6.89 -12.48
C VAL C 296 33.04 7.09 -11.46
N SER C 297 33.80 8.17 -11.61
CA SER C 297 34.90 8.46 -10.69
C SER C 297 34.54 9.46 -9.59
N VAL C 298 35.15 9.27 -8.42
CA VAL C 298 34.96 10.17 -7.29
C VAL C 298 36.27 10.91 -7.08
N ILE C 299 36.25 12.22 -7.28
CA ILE C 299 37.46 13.02 -7.13
C ILE C 299 37.50 13.67 -5.75
N ASP C 300 38.59 13.41 -5.01
CA ASP C 300 38.81 14.00 -3.69
C ASP C 300 39.13 15.48 -3.95
N ALA C 301 38.17 16.36 -3.67
CA ALA C 301 38.34 17.80 -3.92
C ALA C 301 39.45 18.44 -3.08
N LYS C 302 40.01 17.65 -2.16
CA LYS C 302 41.10 18.14 -1.32
C LYS C 302 42.41 17.73 -2.00
N SER C 303 42.61 16.43 -2.17
CA SER C 303 43.84 15.94 -2.79
C SER C 303 43.91 15.96 -4.31
N TYR C 304 42.81 16.32 -4.97
CA TYR C 304 42.75 16.36 -6.43
C TYR C 304 43.19 15.06 -7.11
N LYS C 305 42.85 13.94 -6.47
CA LYS C 305 43.17 12.62 -6.98
C LYS C 305 41.87 11.80 -7.01
N VAL C 306 41.72 10.91 -7.98
CA VAL C 306 40.53 10.08 -8.03
C VAL C 306 40.70 9.06 -6.90
N VAL C 307 39.84 9.09 -5.89
CA VAL C 307 40.00 8.15 -4.78
C VAL C 307 39.14 6.89 -4.87
N LYS C 308 38.14 6.89 -5.75
CA LYS C 308 37.27 5.73 -5.90
C LYS C 308 36.64 5.70 -7.29
N THR C 309 36.22 4.52 -7.73
CA THR C 309 35.56 4.38 -9.04
C THR C 309 34.41 3.40 -8.90
N PHE C 310 33.22 3.81 -9.30
CA PHE C 310 32.06 2.94 -9.23
C PHE C 310 31.88 2.29 -10.58
N ASP C 311 31.60 0.99 -10.60
CA ASP C 311 31.35 0.32 -11.88
C ASP C 311 29.89 0.55 -12.23
N THR C 312 29.63 1.27 -13.31
CA THR C 312 28.26 1.53 -13.70
C THR C 312 27.92 1.25 -15.15
N PRO C 313 28.14 0.00 -15.61
CA PRO C 313 27.84 -0.35 -17.00
C PRO C 313 26.33 -0.32 -17.24
N THR C 314 25.91 -0.14 -18.49
CA THR C 314 26.81 0.02 -19.62
C THR C 314 27.34 1.43 -19.85
N HIS C 315 26.45 2.38 -20.05
CA HIS C 315 26.87 3.75 -20.30
C HIS C 315 26.33 4.79 -19.33
N PRO C 316 27.15 5.20 -18.35
CA PRO C 316 26.70 6.20 -17.38
C PRO C 316 26.46 7.52 -18.11
N ASN C 317 25.40 8.23 -17.74
CA ASN C 317 25.06 9.45 -18.42
C ASN C 317 25.07 10.72 -17.56
N SER C 318 24.03 10.89 -16.76
CA SER C 318 23.92 12.05 -15.91
C SER C 318 24.03 11.75 -14.41
N LEU C 319 24.20 12.82 -13.63
CA LEU C 319 24.35 12.73 -12.18
C LEU C 319 23.40 13.64 -11.42
N ALA C 320 23.01 13.24 -10.21
CA ALA C 320 22.12 14.02 -9.36
C ALA C 320 22.41 13.70 -7.89
N LEU C 321 22.33 14.71 -7.02
CA LEU C 321 22.60 14.51 -5.60
C LEU C 321 21.39 14.77 -4.72
N SER C 322 21.31 14.07 -3.60
CA SER C 322 20.22 14.32 -2.66
C SER C 322 20.55 15.70 -2.05
N ALA C 323 19.55 16.41 -1.56
CA ALA C 323 19.81 17.74 -1.00
C ALA C 323 20.90 17.73 0.08
N ASP C 324 20.94 16.67 0.88
CA ASP C 324 21.93 16.58 1.95
C ASP C 324 23.28 16.01 1.50
N GLY C 325 23.44 15.83 0.19
CA GLY C 325 24.71 15.32 -0.35
C GLY C 325 25.22 13.95 0.06
N LYS C 326 24.36 13.12 0.64
CA LYS C 326 24.78 11.79 1.05
C LYS C 326 24.39 10.71 0.04
N THR C 327 23.53 11.06 -0.90
CA THR C 327 23.08 10.11 -1.89
C THR C 327 23.29 10.61 -3.32
N LEU C 328 23.91 9.75 -4.13
CA LEU C 328 24.21 10.04 -5.54
C LEU C 328 23.34 9.20 -6.48
N TYR C 329 22.82 9.84 -7.52
CA TYR C 329 21.97 9.16 -8.48
C TYR C 329 22.63 9.23 -9.84
N VAL C 330 22.70 8.09 -10.52
CA VAL C 330 23.34 8.00 -11.83
C VAL C 330 22.43 7.34 -12.85
N SER C 331 22.11 8.04 -13.93
CA SER C 331 21.28 7.42 -14.95
C SER C 331 22.26 6.61 -15.81
N VAL C 332 21.84 5.43 -16.25
CA VAL C 332 22.69 4.56 -17.04
C VAL C 332 22.00 4.02 -18.27
N LYS C 333 22.52 4.41 -19.43
CA LYS C 333 21.96 4.00 -20.71
C LYS C 333 22.51 2.65 -21.16
N GLN C 334 21.71 1.94 -21.94
CA GLN C 334 22.08 0.65 -22.50
C GLN C 334 22.82 0.93 -23.80
N LYS C 335 23.49 -0.07 -24.35
CA LYS C 335 24.17 0.13 -25.62
C LYS C 335 22.98 0.29 -26.57
N SER C 336 23.08 1.20 -27.51
CA SER C 336 21.98 1.41 -28.41
C SER C 336 22.44 2.22 -29.61
N THR C 337 22.18 1.72 -30.81
CA THR C 337 22.57 2.39 -32.05
C THR C 337 21.34 2.73 -32.88
N LYS C 338 21.52 3.52 -33.93
CA LYS C 338 20.39 3.87 -34.78
C LYS C 338 19.90 2.61 -35.49
N GLN C 339 20.84 1.71 -35.81
CA GLN C 339 20.50 0.47 -36.48
C GLN C 339 19.88 -0.56 -35.55
N GLN C 340 20.27 -0.53 -34.29
CA GLN C 340 19.74 -1.49 -33.34
C GLN C 340 19.53 -0.85 -31.98
N GLU C 341 18.28 -0.51 -31.66
CA GLU C 341 17.96 0.12 -30.37
C GLU C 341 18.02 -0.87 -29.23
N ALA C 342 18.05 -0.34 -28.03
CA ALA C 342 18.09 -1.17 -26.84
C ALA C 342 16.69 -1.72 -26.58
N THR C 343 16.59 -3.01 -26.31
CA THR C 343 15.30 -3.62 -26.04
C THR C 343 14.95 -3.37 -24.57
N GLN C 344 15.97 -3.31 -23.73
CA GLN C 344 15.78 -3.08 -22.30
C GLN C 344 15.75 -1.61 -21.92
N PRO C 345 15.07 -1.29 -20.82
CA PRO C 345 15.00 0.10 -20.40
C PRO C 345 16.32 0.47 -19.72
N ASP C 346 16.58 1.76 -19.55
CA ASP C 346 17.82 2.19 -18.90
C ASP C 346 17.57 2.14 -17.40
N ASP C 347 18.61 2.29 -16.60
CA ASP C 347 18.42 2.24 -15.16
C ASP C 347 18.91 3.50 -14.49
N VAL C 348 18.52 3.67 -13.25
CA VAL C 348 19.01 4.77 -12.44
C VAL C 348 19.73 4.00 -11.35
N ILE C 349 20.99 4.33 -11.07
CA ILE C 349 21.70 3.66 -10.01
C ILE C 349 21.80 4.61 -8.84
N ARG C 350 21.34 4.16 -7.68
CA ARG C 350 21.38 4.97 -6.47
C ARG C 350 22.60 4.55 -5.68
N ILE C 351 23.52 5.48 -5.43
CA ILE C 351 24.73 5.15 -4.66
C ILE C 351 24.76 5.84 -3.30
N ALA C 352 24.73 5.05 -2.24
CA ALA C 352 24.78 5.61 -0.89
C ALA C 352 26.24 5.95 -0.63
N LEU C 353 26.57 7.23 -0.69
CA LEU C 353 27.94 7.66 -0.47
C LEU C 353 28.38 7.41 0.98
N GLU D 32 -6.11 21.73 39.01
CA GLU D 32 -6.91 21.30 37.82
C GLU D 32 -6.03 20.81 36.66
N GLU D 33 -5.97 19.50 36.46
CA GLU D 33 -5.14 18.93 35.40
C GLU D 33 -5.92 18.03 34.45
N MET D 34 -5.32 17.76 33.31
CA MET D 34 -5.85 16.86 32.30
C MET D 34 -4.62 16.26 31.67
N LEU D 35 -4.46 14.94 31.82
CA LEU D 35 -3.33 14.23 31.24
C LEU D 35 -3.83 13.27 30.17
N ARG D 36 -3.39 13.49 28.94
CA ARG D 36 -3.79 12.62 27.83
C ARG D 36 -2.57 11.80 27.47
N LYS D 37 -2.69 10.48 27.53
CA LYS D 37 -1.55 9.63 27.21
C LYS D 37 -1.91 8.48 26.28
N ALA D 38 -0.99 8.18 25.37
CA ALA D 38 -1.19 7.11 24.41
C ALA D 38 -1.04 5.74 25.09
N VAL D 39 -1.90 4.80 24.73
CA VAL D 39 -1.83 3.46 25.30
C VAL D 39 -1.74 2.38 24.22
N GLY D 40 -2.77 2.27 23.38
CA GLY D 40 -2.76 1.28 22.33
C GLY D 40 -3.85 1.48 21.29
N LYS D 41 -3.82 0.69 20.21
CA LYS D 41 -4.85 0.80 19.19
C LYS D 41 -6.08 0.01 19.62
N GLY D 42 -7.26 0.52 19.26
CA GLY D 42 -8.50 -0.15 19.59
C GLY D 42 -8.90 -0.08 21.05
N ALA D 43 -8.80 1.10 21.64
CA ALA D 43 -9.16 1.29 23.03
C ALA D 43 -10.67 1.23 23.17
N TYR D 44 -11.12 0.68 24.30
CA TYR D 44 -12.54 0.56 24.57
C TYR D 44 -12.86 0.80 26.02
N GLU D 45 -13.29 -0.22 26.75
CA GLU D 45 -13.63 0.02 28.14
C GLU D 45 -12.52 -0.21 29.18
N MET D 46 -12.75 0.36 30.35
CA MET D 46 -11.81 0.27 31.46
C MET D 46 -12.48 -0.24 32.74
N ALA D 47 -11.66 -0.51 33.74
CA ALA D 47 -12.13 -0.99 35.03
C ALA D 47 -11.08 -0.54 36.02
N TYR D 48 -11.53 -0.02 37.16
CA TYR D 48 -10.61 0.46 38.18
C TYR D 48 -10.72 -0.44 39.40
N SER D 49 -9.61 -0.58 40.13
CA SER D 49 -9.57 -1.39 41.34
C SER D 49 -8.82 -0.68 42.48
N GLN D 50 -9.55 -0.43 43.56
CA GLN D 50 -8.98 0.22 44.73
C GLN D 50 -7.87 -0.66 45.31
N GLN D 51 -8.19 -1.93 45.54
CA GLN D 51 -7.25 -2.89 46.11
C GLN D 51 -5.92 -2.94 45.38
N GLU D 52 -5.97 -3.09 44.06
CA GLU D 52 -4.77 -3.17 43.25
C GLU D 52 -4.19 -1.80 42.89
N ASN D 53 -4.98 -0.74 43.11
CA ASN D 53 -4.57 0.64 42.79
C ASN D 53 -4.12 0.65 41.33
N ALA D 54 -5.06 0.30 40.45
CA ALA D 54 -4.79 0.24 39.03
C ALA D 54 -6.03 0.43 38.19
N LEU D 55 -5.80 0.77 36.94
CA LEU D 55 -6.84 0.97 35.96
C LEU D 55 -6.49 -0.03 34.87
N TRP D 56 -7.49 -0.63 34.24
CA TRP D 56 -7.24 -1.58 33.17
C TRP D 56 -7.95 -1.07 31.94
N LEU D 57 -7.30 -1.21 30.78
CA LEU D 57 -7.89 -0.75 29.54
C LEU D 57 -7.97 -1.93 28.58
N ALA D 58 -9.13 -2.10 27.98
CA ALA D 58 -9.30 -3.18 27.02
C ALA D 58 -9.03 -2.61 25.64
N THR D 59 -8.16 -3.25 24.87
CA THR D 59 -7.87 -2.78 23.52
C THR D 59 -7.96 -3.95 22.56
N SER D 60 -8.57 -3.73 21.41
CA SER D 60 -8.72 -4.78 20.42
C SER D 60 -7.56 -4.75 19.44
N GLN D 61 -6.66 -3.80 19.67
CA GLN D 61 -5.48 -3.62 18.83
C GLN D 61 -5.83 -3.31 17.38
N SER D 62 -4.85 -3.46 16.49
CA SER D 62 -5.06 -3.20 15.07
C SER D 62 -6.11 -4.13 14.47
N ARG D 63 -6.98 -3.60 13.63
CA ARG D 63 -8.03 -4.41 13.04
C ARG D 63 -7.58 -5.41 11.98
N LYS D 64 -6.76 -4.97 11.02
CA LYS D 64 -6.30 -5.86 9.96
C LYS D 64 -4.91 -6.47 10.22
N LEU D 65 -4.15 -5.86 11.10
CA LEU D 65 -2.81 -6.33 11.40
C LEU D 65 -2.70 -7.26 12.61
N ASP D 66 -3.62 -7.13 13.57
CA ASP D 66 -3.57 -7.96 14.79
C ASP D 66 -4.68 -8.98 14.94
N LYS D 67 -4.32 -10.14 15.47
CA LYS D 67 -5.28 -11.22 15.75
C LYS D 67 -5.30 -11.24 17.28
N GLY D 68 -6.49 -11.21 17.86
CA GLY D 68 -6.57 -11.19 19.31
C GLY D 68 -6.33 -9.76 19.77
N GLY D 69 -6.12 -9.57 21.07
CA GLY D 69 -5.91 -8.23 21.58
C GLY D 69 -5.06 -8.12 22.83
N VAL D 70 -5.21 -6.98 23.52
CA VAL D 70 -4.44 -6.73 24.73
C VAL D 70 -5.19 -5.94 25.80
N VAL D 71 -5.09 -6.40 27.04
CA VAL D 71 -5.71 -5.71 28.17
C VAL D 71 -4.52 -5.10 28.90
N TYR D 72 -4.47 -3.77 28.97
CA TYR D 72 -3.38 -3.06 29.62
C TYR D 72 -3.67 -2.65 31.05
N ARG D 73 -2.69 -2.85 31.93
CA ARG D 73 -2.82 -2.45 33.31
C ARG D 73 -2.07 -1.12 33.35
N LEU D 74 -2.76 -0.05 33.74
CA LEU D 74 -2.15 1.26 33.76
C LEU D 74 -2.06 1.84 35.14
N ASP D 75 -1.03 2.66 35.36
CA ASP D 75 -0.85 3.33 36.63
C ASP D 75 -1.96 4.39 36.71
N PRO D 76 -2.63 4.48 37.87
CA PRO D 76 -3.71 5.47 38.05
C PRO D 76 -3.29 6.91 37.93
N VAL D 77 -2.02 7.21 38.17
CA VAL D 77 -1.55 8.59 38.09
C VAL D 77 -0.83 8.94 36.79
N THR D 78 0.21 8.19 36.47
CA THR D 78 0.99 8.47 35.28
C THR D 78 0.44 7.88 34.00
N LEU D 79 -0.51 6.95 34.12
CA LEU D 79 -1.11 6.28 32.97
C LEU D 79 -0.11 5.42 32.20
N GLU D 80 1.04 5.17 32.81
CA GLU D 80 2.08 4.33 32.20
C GLU D 80 1.57 2.90 32.19
N VAL D 81 1.94 2.12 31.19
CA VAL D 81 1.52 0.72 31.15
C VAL D 81 2.43 -0.02 32.11
N THR D 82 1.84 -0.66 33.12
CA THR D 82 2.64 -1.40 34.09
C THR D 82 2.53 -2.89 33.81
N GLN D 83 1.60 -3.25 32.93
CA GLN D 83 1.43 -4.65 32.54
C GLN D 83 0.59 -4.75 31.28
N ALA D 84 1.00 -5.62 30.36
CA ALA D 84 0.26 -5.81 29.13
C ALA D 84 -0.13 -7.28 29.04
N ILE D 85 -1.44 -7.55 29.06
CA ILE D 85 -1.94 -8.91 29.00
C ILE D 85 -2.38 -9.27 27.57
N HIS D 86 -1.70 -10.23 26.97
CA HIS D 86 -2.04 -10.65 25.62
C HIS D 86 -3.19 -11.65 25.67
N ASN D 87 -4.18 -11.43 24.81
CA ASN D 87 -5.36 -12.29 24.76
C ASN D 87 -5.63 -12.90 23.39
N ASP D 88 -5.99 -14.19 23.38
CA ASP D 88 -6.30 -14.86 22.14
C ASP D 88 -7.46 -14.14 21.46
N LEU D 89 -8.39 -13.65 22.27
CA LEU D 89 -9.58 -12.96 21.75
C LEU D 89 -9.60 -11.48 22.07
N LYS D 90 -9.97 -10.67 21.09
CA LYS D 90 -10.04 -9.23 21.27
C LYS D 90 -11.07 -8.86 22.33
N PRO D 91 -10.65 -8.07 23.34
CA PRO D 91 -11.52 -7.61 24.44
C PRO D 91 -12.07 -6.23 24.13
N PHE D 92 -13.34 -6.01 24.42
CA PHE D 92 -13.98 -4.74 24.18
C PHE D 92 -14.58 -4.21 25.47
N GLY D 93 -15.72 -4.75 25.86
CA GLY D 93 -16.36 -4.31 27.10
C GLY D 93 -15.64 -4.85 28.33
N ALA D 94 -15.68 -4.10 29.41
CA ALA D 94 -15.00 -4.52 30.64
C ALA D 94 -15.81 -4.19 31.88
N THR D 95 -15.47 -4.85 32.98
CA THR D 95 -16.09 -4.66 34.29
C THR D 95 -15.24 -5.41 35.30
N ILE D 96 -15.37 -5.07 36.57
CA ILE D 96 -14.59 -5.75 37.59
C ILE D 96 -15.44 -6.19 38.77
N ASN D 97 -15.10 -7.35 39.31
CA ASN D 97 -15.77 -7.90 40.48
C ASN D 97 -14.78 -7.58 41.59
N ASN D 98 -15.05 -6.51 42.35
CA ASN D 98 -14.17 -6.07 43.42
C ASN D 98 -13.97 -7.05 44.57
N THR D 99 -14.92 -7.97 44.73
CA THR D 99 -14.82 -8.95 45.78
C THR D 99 -13.79 -10.00 45.42
N THR D 100 -13.96 -10.61 44.25
CA THR D 100 -13.05 -11.64 43.78
C THR D 100 -11.87 -11.08 42.99
N GLN D 101 -11.71 -9.74 42.98
CA GLN D 101 -10.65 -9.09 42.23
C GLN D 101 -10.42 -9.77 40.89
N THR D 102 -11.52 -9.91 40.15
CA THR D 102 -11.51 -10.55 38.83
C THR D 102 -12.10 -9.60 37.79
N LEU D 103 -11.39 -9.46 36.67
CA LEU D 103 -11.83 -8.60 35.57
C LEU D 103 -12.58 -9.47 34.57
N TRP D 104 -13.65 -8.92 33.99
CA TRP D 104 -14.43 -9.65 32.99
C TRP D 104 -14.46 -8.84 31.71
N PHE D 105 -14.07 -9.47 30.60
CA PHE D 105 -14.03 -8.77 29.33
C PHE D 105 -14.90 -9.40 28.28
N GLY D 106 -15.69 -8.57 27.61
CA GLY D 106 -16.56 -9.07 26.56
C GLY D 106 -15.80 -9.16 25.26
N ASN D 107 -15.85 -10.33 24.62
CA ASN D 107 -15.18 -10.52 23.35
C ASN D 107 -16.21 -10.42 22.24
N THR D 108 -16.55 -9.19 21.90
CA THR D 108 -17.55 -8.90 20.90
C THR D 108 -17.50 -9.70 19.61
N VAL D 109 -16.37 -9.68 18.92
CA VAL D 109 -16.27 -10.39 17.65
C VAL D 109 -16.13 -11.90 17.74
N ASN D 110 -16.15 -12.46 18.94
CA ASN D 110 -16.04 -13.90 19.10
C ASN D 110 -17.18 -14.43 19.98
N SER D 111 -18.23 -13.62 20.13
CA SER D 111 -19.38 -13.99 20.95
C SER D 111 -18.91 -14.82 22.15
N ALA D 112 -18.10 -14.20 23.00
CA ALA D 112 -17.58 -14.89 24.16
C ALA D 112 -17.16 -13.90 25.24
N VAL D 113 -16.86 -14.41 26.44
CA VAL D 113 -16.46 -13.57 27.54
C VAL D 113 -15.19 -14.12 28.20
N THR D 114 -14.34 -13.23 28.68
CA THR D 114 -13.07 -13.63 29.29
C THR D 114 -12.93 -13.20 30.75
N ALA D 115 -12.34 -14.08 31.56
CA ALA D 115 -12.13 -13.79 32.95
C ALA D 115 -10.63 -13.69 33.16
N ILE D 116 -10.20 -12.62 33.82
CA ILE D 116 -8.78 -12.41 34.08
C ILE D 116 -8.60 -12.06 35.56
N ASP D 117 -7.59 -12.64 36.20
CA ASP D 117 -7.34 -12.32 37.59
C ASP D 117 -6.59 -10.99 37.65
N ALA D 118 -7.21 -10.00 38.28
CA ALA D 118 -6.63 -8.67 38.39
C ALA D 118 -5.30 -8.64 39.12
N LYS D 119 -5.17 -9.50 40.13
CA LYS D 119 -3.94 -9.53 40.93
C LYS D 119 -2.73 -9.91 40.11
N THR D 120 -2.84 -11.01 39.37
CA THR D 120 -1.73 -11.53 38.57
C THR D 120 -1.78 -11.24 37.07
N GLY D 121 -2.96 -10.97 36.53
CA GLY D 121 -3.07 -10.69 35.11
C GLY D 121 -3.17 -11.98 34.31
N GLU D 122 -3.60 -13.04 34.96
CA GLU D 122 -3.72 -14.32 34.27
C GLU D 122 -5.10 -14.52 33.71
N VAL D 123 -5.14 -15.09 32.51
CA VAL D 123 -6.40 -15.37 31.88
C VAL D 123 -6.95 -16.63 32.55
N LYS D 124 -8.02 -16.49 33.34
CA LYS D 124 -8.63 -17.62 34.05
C LYS D 124 -9.29 -18.57 33.08
N GLY D 125 -9.95 -18.02 32.07
CA GLY D 125 -10.61 -18.85 31.08
C GLY D 125 -11.63 -18.06 30.30
N ARG D 126 -12.27 -18.70 29.34
CA ARG D 126 -13.28 -18.05 28.52
C ARG D 126 -14.49 -18.95 28.39
N LEU D 127 -15.60 -18.35 27.98
CA LEU D 127 -16.85 -19.06 27.79
C LEU D 127 -17.53 -18.51 26.54
N VAL D 128 -17.75 -19.35 25.53
CA VAL D 128 -18.42 -18.88 24.31
C VAL D 128 -19.91 -18.72 24.61
N LEU D 129 -20.46 -17.56 24.26
CA LEU D 129 -21.86 -17.28 24.53
C LEU D 129 -22.77 -17.53 23.33
N ASP D 130 -22.17 -17.94 22.22
CA ASP D 130 -22.95 -18.21 21.01
C ASP D 130 -22.00 -18.77 19.96
N ASP D 131 -21.98 -20.08 19.82
CA ASP D 131 -21.08 -20.74 18.87
C ASP D 131 -21.57 -20.79 17.43
N ARG D 132 -22.81 -20.40 17.18
CA ARG D 132 -23.33 -20.43 15.82
C ARG D 132 -22.35 -19.74 14.88
N LYS D 133 -22.34 -20.16 13.61
CA LYS D 133 -21.44 -19.57 12.62
C LYS D 133 -22.14 -18.51 11.78
N ARG D 134 -21.48 -17.37 11.59
CA ARG D 134 -22.06 -16.29 10.80
C ARG D 134 -22.35 -16.72 9.36
N THR D 135 -23.63 -16.64 8.98
CA THR D 135 -24.05 -16.99 7.64
C THR D 135 -24.92 -15.84 7.13
N GLU D 136 -25.61 -16.06 6.02
CA GLU D 136 -26.47 -15.03 5.47
C GLU D 136 -27.81 -15.01 6.21
N GLU D 137 -28.04 -16.03 7.04
CA GLU D 137 -29.30 -16.11 7.78
C GLU D 137 -29.09 -16.16 9.28
N VAL D 138 -27.84 -15.98 9.73
CA VAL D 138 -27.59 -16.02 11.16
C VAL D 138 -26.51 -15.06 11.64
N ARG D 139 -26.88 -14.25 12.63
CA ARG D 139 -26.01 -13.26 13.26
C ARG D 139 -25.82 -13.72 14.69
N PRO D 140 -24.71 -14.42 14.99
CA PRO D 140 -24.57 -14.84 16.38
C PRO D 140 -24.58 -13.59 17.26
N LEU D 141 -25.27 -13.66 18.39
CA LEU D 141 -25.33 -12.54 19.31
C LEU D 141 -23.93 -12.20 19.79
N GLN D 142 -23.69 -10.91 20.05
CA GLN D 142 -22.38 -10.47 20.50
C GLN D 142 -22.50 -9.75 21.84
N PRO D 143 -21.56 -10.01 22.75
CA PRO D 143 -21.62 -9.34 24.04
C PRO D 143 -21.31 -7.87 23.86
N ARG D 144 -21.95 -7.02 24.64
CA ARG D 144 -21.73 -5.58 24.57
C ARG D 144 -21.28 -5.04 25.92
N GLU D 145 -22.19 -5.01 26.88
CA GLU D 145 -21.84 -4.51 28.20
C GLU D 145 -21.78 -5.62 29.25
N LEU D 146 -21.02 -5.39 30.32
CA LEU D 146 -20.89 -6.36 31.39
C LEU D 146 -20.97 -5.69 32.75
N VAL D 147 -21.62 -6.38 33.69
CA VAL D 147 -21.78 -5.90 35.06
C VAL D 147 -21.65 -7.09 35.98
N ALA D 148 -20.90 -6.93 37.06
CA ALA D 148 -20.70 -8.03 37.99
C ALA D 148 -21.35 -7.74 39.33
N ASP D 149 -22.08 -8.70 39.85
CA ASP D 149 -22.73 -8.56 41.14
C ASP D 149 -21.75 -9.13 42.16
N ASP D 150 -21.04 -8.26 42.86
CA ASP D 150 -20.06 -8.70 43.85
C ASP D 150 -20.62 -9.65 44.90
N ALA D 151 -21.83 -9.37 45.36
CA ALA D 151 -22.49 -10.17 46.38
C ALA D 151 -22.72 -11.63 46.02
N THR D 152 -23.10 -11.88 44.77
CA THR D 152 -23.36 -13.26 44.35
C THR D 152 -22.40 -13.79 43.30
N ASN D 153 -21.33 -13.04 43.04
CA ASN D 153 -20.35 -13.41 42.03
C ASN D 153 -21.00 -13.90 40.73
N THR D 154 -21.83 -13.03 40.17
CA THR D 154 -22.55 -13.31 38.92
C THR D 154 -22.14 -12.23 37.91
N VAL D 155 -22.05 -12.62 36.65
CA VAL D 155 -21.69 -11.67 35.61
C VAL D 155 -22.84 -11.55 34.62
N TYR D 156 -23.36 -10.34 34.46
CA TYR D 156 -24.46 -10.11 33.53
C TYR D 156 -23.88 -9.52 32.25
N ILE D 157 -24.22 -10.15 31.12
CA ILE D 157 -23.71 -9.73 29.81
C ILE D 157 -24.82 -9.53 28.78
N SER D 158 -24.89 -8.34 28.21
CA SER D 158 -25.92 -8.07 27.20
C SER D 158 -25.49 -8.61 25.83
N GLY D 159 -26.28 -9.51 25.28
CA GLY D 159 -25.96 -10.09 23.98
C GLY D 159 -26.85 -9.43 22.96
N ILE D 160 -26.27 -8.61 22.10
CA ILE D 160 -27.03 -7.87 21.12
C ILE D 160 -27.29 -8.51 19.77
N GLY D 161 -28.35 -8.04 19.13
CA GLY D 161 -28.76 -8.51 17.83
C GLY D 161 -30.17 -8.02 17.52
N LYS D 162 -30.80 -8.59 16.48
CA LYS D 162 -32.15 -8.20 16.11
C LYS D 162 -33.04 -8.42 17.33
N GLU D 163 -32.81 -9.52 18.02
CA GLU D 163 -33.55 -9.84 19.24
C GLU D 163 -32.51 -10.24 20.27
N SER D 164 -32.13 -9.25 21.08
CA SER D 164 -31.11 -9.37 22.12
C SER D 164 -31.48 -10.28 23.28
N VAL D 165 -30.51 -10.50 24.17
CA VAL D 165 -30.70 -11.32 25.36
C VAL D 165 -29.74 -10.81 26.41
N ILE D 166 -29.73 -11.45 27.58
CA ILE D 166 -28.82 -11.05 28.65
C ILE D 166 -28.28 -12.31 29.30
N TRP D 167 -27.09 -12.75 28.89
CA TRP D 167 -26.49 -13.96 29.45
C TRP D 167 -26.14 -13.76 30.91
N VAL D 168 -26.56 -14.72 31.74
CA VAL D 168 -26.27 -14.66 33.16
C VAL D 168 -25.21 -15.71 33.38
N VAL D 169 -23.97 -15.25 33.54
CA VAL D 169 -22.86 -16.17 33.74
C VAL D 169 -22.42 -16.31 35.18
N ASP D 170 -21.97 -17.51 35.54
CA ASP D 170 -21.52 -17.79 36.89
C ASP D 170 -20.03 -17.50 37.01
N GLY D 171 -19.71 -16.43 37.72
CA GLY D 171 -18.32 -16.04 37.89
C GLY D 171 -17.48 -17.05 38.65
N GLY D 172 -18.10 -18.13 39.09
CA GLY D 172 -17.36 -19.12 39.83
C GLY D 172 -16.66 -20.12 38.94
N ASN D 173 -17.41 -20.71 38.02
CA ASN D 173 -16.85 -21.69 37.10
C ASN D 173 -16.78 -21.19 35.65
N ILE D 174 -17.27 -19.98 35.40
CA ILE D 174 -17.26 -19.39 34.06
C ILE D 174 -18.20 -20.14 33.12
N LYS D 175 -19.24 -20.76 33.68
CA LYS D 175 -20.23 -21.47 32.87
C LYS D 175 -21.51 -20.66 32.88
N LEU D 176 -22.33 -20.84 31.85
CA LEU D 176 -23.58 -20.09 31.75
C LEU D 176 -24.66 -20.64 32.66
N LYS D 177 -25.44 -19.76 33.27
CA LYS D 177 -26.54 -20.19 34.14
C LYS D 177 -27.82 -20.18 33.32
N THR D 178 -28.07 -19.07 32.62
CA THR D 178 -29.26 -18.95 31.79
C THR D 178 -29.18 -17.72 30.89
N ALA D 179 -30.14 -17.58 29.99
CA ALA D 179 -30.16 -16.44 29.10
C ALA D 179 -31.51 -15.74 29.15
N ILE D 180 -31.58 -14.63 29.88
CA ILE D 180 -32.82 -13.89 29.97
C ILE D 180 -33.18 -13.49 28.55
N GLN D 181 -34.29 -14.03 28.06
CA GLN D 181 -34.74 -13.77 26.70
C GLN D 181 -35.52 -12.47 26.46
N ASN D 182 -35.76 -12.20 25.19
CA ASN D 182 -36.54 -11.05 24.70
C ASN D 182 -36.29 -9.67 25.27
N THR D 183 -35.04 -9.21 25.28
CA THR D 183 -34.75 -7.89 25.81
C THR D 183 -35.02 -6.83 24.75
N GLY D 184 -35.19 -7.27 23.51
CA GLY D 184 -35.48 -6.33 22.43
C GLY D 184 -34.45 -6.17 21.35
N LYS D 185 -34.58 -5.13 20.56
CA LYS D 185 -33.65 -4.85 19.47
C LYS D 185 -32.47 -4.06 20.00
N MET D 186 -31.27 -4.56 19.76
CA MET D 186 -30.04 -3.90 20.22
C MET D 186 -30.12 -3.42 21.67
N SER D 187 -30.36 -4.36 22.57
CA SER D 187 -30.47 -4.08 24.00
C SER D 187 -29.06 -3.97 24.59
N THR D 188 -28.31 -2.97 24.14
CA THR D 188 -26.93 -2.75 24.56
C THR D 188 -26.70 -2.37 26.03
N GLY D 189 -27.49 -1.44 26.55
CA GLY D 189 -27.32 -0.98 27.93
C GLY D 189 -27.51 -1.99 29.04
N LEU D 190 -26.74 -1.84 30.12
CA LEU D 190 -26.84 -2.76 31.25
C LEU D 190 -26.29 -2.16 32.55
N ALA D 191 -27.14 -2.09 33.57
CA ALA D 191 -26.75 -1.55 34.88
C ALA D 191 -27.23 -2.49 35.98
N LEU D 192 -26.61 -2.42 37.15
CA LEU D 192 -27.02 -3.31 38.22
C LEU D 192 -27.14 -2.70 39.61
N ASP D 193 -28.21 -3.05 40.31
CA ASP D 193 -28.41 -2.61 41.69
C ASP D 193 -28.27 -3.94 42.42
N SER D 194 -27.06 -4.24 42.88
CA SER D 194 -26.82 -5.50 43.55
C SER D 194 -27.68 -5.71 44.78
N GLU D 195 -27.76 -4.67 45.61
CA GLU D 195 -28.54 -4.77 46.83
C GLU D 195 -30.02 -4.92 46.54
N GLY D 196 -30.55 -4.09 45.65
CA GLY D 196 -31.96 -4.18 45.33
C GLY D 196 -32.30 -5.32 44.37
N LYS D 197 -31.34 -6.19 44.10
CA LYS D 197 -31.54 -7.31 43.18
C LYS D 197 -32.27 -6.92 41.88
N ARG D 198 -31.97 -5.73 41.38
CA ARG D 198 -32.56 -5.21 40.14
C ARG D 198 -31.49 -5.02 39.07
N LEU D 199 -31.77 -5.56 37.88
CA LEU D 199 -30.85 -5.47 36.75
C LEU D 199 -31.58 -4.75 35.63
N TYR D 200 -31.09 -3.58 35.24
CA TYR D 200 -31.73 -2.82 34.17
C TYR D 200 -31.00 -2.97 32.83
N THR D 201 -31.71 -2.69 31.75
CA THR D 201 -31.13 -2.75 30.41
C THR D 201 -31.96 -1.85 29.49
N THR D 202 -31.30 -1.15 28.57
CA THR D 202 -31.99 -0.24 27.67
C THR D 202 -31.77 -0.72 26.24
N ASN D 203 -32.64 -0.35 25.31
CA ASN D 203 -32.46 -0.83 23.95
C ASN D 203 -32.78 0.15 22.83
N ALA D 204 -32.78 -0.37 21.61
CA ALA D 204 -33.04 0.41 20.41
C ALA D 204 -34.53 0.52 20.10
N ASP D 205 -35.37 0.00 20.99
CA ASP D 205 -36.81 0.08 20.83
C ASP D 205 -37.32 1.18 21.74
N GLY D 206 -36.39 1.96 22.30
CA GLY D 206 -36.75 3.05 23.20
C GLY D 206 -37.28 2.56 24.54
N GLU D 207 -36.96 1.31 24.88
CA GLU D 207 -37.40 0.70 26.13
C GLU D 207 -36.39 0.66 27.26
N LEU D 208 -36.90 0.64 28.49
CA LEU D 208 -36.08 0.50 29.69
C LEU D 208 -36.68 -0.76 30.28
N ILE D 209 -35.83 -1.74 30.56
CA ILE D 209 -36.31 -3.00 31.07
C ILE D 209 -35.75 -3.31 32.46
N THR D 210 -36.66 -3.53 33.42
CA THR D 210 -36.26 -3.84 34.80
C THR D 210 -36.32 -5.35 35.00
N ILE D 211 -35.32 -5.89 35.66
CA ILE D 211 -35.24 -7.34 35.88
C ILE D 211 -34.88 -7.75 37.30
N ASP D 212 -35.65 -8.70 37.85
CA ASP D 212 -35.41 -9.20 39.19
C ASP D 212 -34.25 -10.18 39.08
N THR D 213 -33.16 -9.91 39.78
CA THR D 213 -32.01 -10.80 39.69
C THR D 213 -32.22 -12.09 40.46
N ALA D 214 -33.26 -12.11 41.30
CA ALA D 214 -33.56 -13.28 42.12
C ALA D 214 -34.10 -14.45 41.30
N ASP D 215 -34.82 -14.14 40.23
CA ASP D 215 -35.38 -15.20 39.38
C ASP D 215 -35.10 -14.94 37.91
N ASN D 216 -34.26 -13.94 37.64
CA ASN D 216 -33.89 -13.58 36.28
C ASN D 216 -35.10 -13.43 35.38
N LYS D 217 -36.13 -12.76 35.89
CA LYS D 217 -37.35 -12.56 35.12
C LYS D 217 -37.62 -11.07 34.94
N ILE D 218 -38.06 -10.70 33.74
CA ILE D 218 -38.35 -9.31 33.47
C ILE D 218 -39.58 -8.88 34.28
N LEU D 219 -39.44 -7.81 35.06
CA LEU D 219 -40.53 -7.30 35.88
C LEU D 219 -41.35 -6.28 35.13
N SER D 220 -40.73 -5.60 34.16
CA SER D 220 -41.44 -4.58 33.40
C SER D 220 -40.59 -3.95 32.33
N ARG D 221 -41.23 -3.20 31.46
CA ARG D 221 -40.54 -2.50 30.40
C ARG D 221 -41.43 -1.35 29.95
N LYS D 222 -40.87 -0.14 29.89
CA LYS D 222 -41.62 1.04 29.51
C LYS D 222 -40.92 1.79 28.39
N LYS D 223 -41.70 2.36 27.48
CA LYS D 223 -41.13 3.13 26.40
C LYS D 223 -40.97 4.52 27.02
N LEU D 224 -39.74 4.85 27.40
CA LEU D 224 -39.44 6.12 28.05
C LEU D 224 -40.07 7.36 27.41
N LEU D 225 -39.74 7.63 26.16
CA LEU D 225 -40.28 8.78 25.45
C LEU D 225 -41.33 8.30 24.46
N ASP D 226 -42.20 9.20 24.00
CA ASP D 226 -43.24 8.86 23.04
C ASP D 226 -43.50 10.00 22.08
N ASP D 227 -42.43 10.54 21.50
CA ASP D 227 -42.55 11.63 20.55
C ASP D 227 -42.41 11.12 19.12
N GLY D 228 -42.76 9.85 18.92
CA GLY D 228 -42.69 9.25 17.60
C GLY D 228 -41.29 9.15 17.02
N LYS D 229 -40.35 9.93 17.55
CA LYS D 229 -38.97 9.94 17.09
C LYS D 229 -38.22 8.66 17.44
N GLU D 230 -37.16 8.37 16.69
CA GLU D 230 -36.34 7.19 16.92
C GLU D 230 -35.37 7.43 18.07
N HIS D 231 -35.34 6.50 19.02
CA HIS D 231 -34.45 6.59 20.16
C HIS D 231 -33.69 5.29 20.37
N PHE D 232 -32.38 5.43 20.61
CA PHE D 232 -31.52 4.29 20.87
C PHE D 232 -30.85 4.57 22.21
N PHE D 233 -31.35 3.93 23.28
CA PHE D 233 -30.78 4.13 24.60
C PHE D 233 -29.61 3.18 24.80
N ILE D 234 -28.46 3.59 24.26
CA ILE D 234 -27.21 2.84 24.28
C ILE D 234 -26.69 2.41 25.65
N ASN D 235 -26.68 3.34 26.61
CA ASN D 235 -26.18 3.02 27.95
C ASN D 235 -26.98 3.59 29.13
N ILE D 236 -26.79 2.97 30.29
CA ILE D 236 -27.48 3.35 31.50
C ILE D 236 -26.61 3.17 32.73
N SER D 237 -26.49 4.23 33.53
CA SER D 237 -25.71 4.20 34.76
C SER D 237 -26.69 4.52 35.88
N LEU D 238 -26.51 3.89 37.04
CA LEU D 238 -27.42 4.10 38.16
C LEU D 238 -26.89 4.91 39.34
N ASP D 239 -27.86 5.44 40.09
CA ASP D 239 -27.64 6.21 41.33
C ASP D 239 -28.63 5.52 42.28
N THR D 240 -28.32 4.28 42.67
CA THR D 240 -29.21 3.52 43.55
C THR D 240 -29.69 4.33 44.76
N ALA D 241 -28.83 5.19 45.28
CA ALA D 241 -29.15 6.02 46.43
C ALA D 241 -30.44 6.80 46.28
N ARG D 242 -30.76 7.23 45.07
CA ARG D 242 -31.98 7.99 44.84
C ARG D 242 -32.86 7.27 43.84
N GLN D 243 -32.52 6.02 43.56
CA GLN D 243 -33.26 5.22 42.60
C GLN D 243 -33.45 5.96 41.28
N ARG D 244 -32.35 6.54 40.80
CA ARG D 244 -32.33 7.25 39.54
C ARG D 244 -31.49 6.45 38.54
N ALA D 245 -31.69 6.71 37.25
CA ALA D 245 -30.92 6.03 36.22
C ALA D 245 -30.61 7.06 35.14
N PHE D 246 -29.34 7.18 34.79
CA PHE D 246 -28.95 8.12 33.74
C PHE D 246 -28.83 7.30 32.47
N ILE D 247 -29.64 7.65 31.49
CA ILE D 247 -29.68 6.93 30.24
C ILE D 247 -29.29 7.82 29.07
N THR D 248 -28.38 7.33 28.24
CA THR D 248 -27.93 8.08 27.07
C THR D 248 -28.78 7.78 25.84
N ASP D 249 -28.71 8.67 24.86
CA ASP D 249 -29.46 8.49 23.62
C ASP D 249 -28.51 8.77 22.45
N SER D 250 -28.43 7.85 21.50
CA SER D 250 -27.55 8.05 20.36
C SER D 250 -28.26 8.69 19.17
N LYS D 251 -29.57 8.90 19.30
CA LYS D 251 -30.38 9.47 18.24
C LYS D 251 -31.06 10.77 18.66
N ALA D 252 -30.73 11.28 19.84
CA ALA D 252 -31.33 12.51 20.33
C ALA D 252 -30.28 13.35 21.06
N ALA D 253 -30.47 14.66 21.09
CA ALA D 253 -29.50 15.51 21.78
C ALA D 253 -29.90 15.74 23.22
N GLU D 254 -30.26 14.66 23.90
CA GLU D 254 -30.62 14.78 25.30
C GLU D 254 -30.49 13.47 26.08
N VAL D 255 -29.79 13.57 27.20
CA VAL D 255 -29.57 12.48 28.11
C VAL D 255 -30.78 12.44 29.03
N LEU D 256 -31.34 11.25 29.26
CA LEU D 256 -32.50 11.16 30.13
C LEU D 256 -32.12 10.73 31.53
N VAL D 257 -32.89 11.19 32.51
CA VAL D 257 -32.69 10.82 33.90
C VAL D 257 -34.03 10.18 34.25
N VAL D 258 -34.00 8.93 34.67
CA VAL D 258 -35.21 8.21 34.97
C VAL D 258 -35.32 7.73 36.42
N ASP D 259 -36.57 7.54 36.86
CA ASP D 259 -36.90 7.05 38.19
C ASP D 259 -36.93 5.52 38.05
N THR D 260 -36.00 4.83 38.69
CA THR D 260 -35.93 3.37 38.57
C THR D 260 -37.17 2.62 39.05
N ARG D 261 -38.04 3.33 39.77
CA ARG D 261 -39.26 2.75 40.30
C ARG D 261 -40.46 2.72 39.35
N ASN D 262 -40.65 3.78 38.57
CA ASN D 262 -41.79 3.85 37.66
C ASN D 262 -41.49 4.33 36.23
N GLY D 263 -40.20 4.47 35.91
CA GLY D 263 -39.84 4.91 34.57
C GLY D 263 -40.29 6.32 34.19
N ASN D 264 -40.57 7.16 35.18
CA ASN D 264 -40.97 8.52 34.87
C ASN D 264 -39.75 9.34 34.52
N ILE D 265 -39.90 10.21 33.54
CA ILE D 265 -38.79 11.06 33.15
C ILE D 265 -38.59 12.08 34.27
N LEU D 266 -37.40 12.10 34.87
CA LEU D 266 -37.09 13.04 35.95
C LEU D 266 -36.41 14.29 35.39
N ALA D 267 -35.87 14.16 34.19
CA ALA D 267 -35.20 15.28 33.53
C ALA D 267 -34.69 14.90 32.15
N LYS D 268 -34.54 15.91 31.29
CA LYS D 268 -34.02 15.69 29.95
C LYS D 268 -32.92 16.72 29.79
N VAL D 269 -31.67 16.29 29.92
CA VAL D 269 -30.56 17.23 29.81
C VAL D 269 -30.10 17.48 28.39
N ALA D 270 -29.98 18.74 28.02
CA ALA D 270 -29.54 19.08 26.68
C ALA D 270 -28.05 18.79 26.52
N ALA D 271 -27.71 17.96 25.55
CA ALA D 271 -26.32 17.62 25.26
C ALA D 271 -26.25 16.95 23.90
N PRO D 272 -25.04 16.84 23.33
CA PRO D 272 -24.97 16.19 22.02
C PRO D 272 -25.45 14.73 22.13
N GLU D 273 -25.61 14.06 20.99
CA GLU D 273 -26.03 12.66 21.02
C GLU D 273 -25.01 11.95 21.93
N SER D 274 -25.50 11.15 22.87
CA SER D 274 -24.63 10.47 23.81
C SER D 274 -24.29 9.01 23.55
N LEU D 275 -23.26 8.54 24.23
CA LEU D 275 -22.80 7.17 24.10
C LEU D 275 -22.66 6.52 25.47
N ALA D 276 -21.54 6.78 26.15
CA ALA D 276 -21.29 6.20 27.46
C ALA D 276 -21.74 7.17 28.56
N VAL D 277 -22.09 6.62 29.71
CA VAL D 277 -22.50 7.47 30.82
C VAL D 277 -22.11 6.84 32.15
N LEU D 278 -21.61 7.64 33.07
CA LEU D 278 -21.21 7.11 34.37
C LEU D 278 -21.58 8.05 35.51
N PHE D 279 -22.39 7.55 36.45
CA PHE D 279 -22.80 8.36 37.60
C PHE D 279 -21.77 8.33 38.71
N ASN D 280 -21.53 9.48 39.33
CA ASN D 280 -20.53 9.57 40.38
C ASN D 280 -21.10 9.97 41.77
N PRO D 281 -21.50 8.98 42.58
CA PRO D 281 -22.06 9.21 43.93
C PRO D 281 -21.31 10.28 44.71
N ALA D 282 -19.98 10.15 44.74
CA ALA D 282 -19.13 11.09 45.46
C ALA D 282 -19.35 12.57 45.13
N ARG D 283 -19.70 12.89 43.90
CA ARG D 283 -19.91 14.30 43.54
C ARG D 283 -21.31 14.57 42.99
N ASN D 284 -22.18 13.57 43.12
CA ASN D 284 -23.54 13.65 42.62
C ASN D 284 -23.59 14.33 41.26
N GLU D 285 -22.87 13.75 40.30
CA GLU D 285 -22.84 14.24 38.94
C GLU D 285 -22.59 13.07 38.01
N ALA D 286 -22.92 13.22 36.74
CA ALA D 286 -22.72 12.14 35.78
C ALA D 286 -21.90 12.61 34.59
N TYR D 287 -21.05 11.73 34.10
CA TYR D 287 -20.22 12.06 32.95
C TYR D 287 -20.82 11.34 31.75
N VAL D 288 -20.76 11.99 30.59
CA VAL D 288 -21.31 11.41 29.38
C VAL D 288 -20.36 11.64 28.23
N THR D 289 -20.19 10.63 27.38
CA THR D 289 -19.31 10.76 26.23
C THR D 289 -20.12 11.03 24.98
N HIS D 290 -19.68 11.99 24.19
CA HIS D 290 -20.35 12.36 22.95
C HIS D 290 -19.40 12.07 21.82
N ARG D 291 -19.52 10.87 21.27
CA ARG D 291 -18.64 10.39 20.21
C ARG D 291 -18.34 11.32 19.05
N GLN D 292 -19.34 11.69 18.25
CA GLN D 292 -19.04 12.58 17.14
C GLN D 292 -18.60 13.91 17.65
N ALA D 293 -19.31 14.41 18.64
CA ALA D 293 -19.00 15.70 19.24
C ALA D 293 -17.57 15.83 19.78
N GLY D 294 -16.94 14.71 20.14
CA GLY D 294 -15.59 14.76 20.66
C GLY D 294 -15.56 15.53 21.95
N LYS D 295 -16.61 15.33 22.75
CA LYS D 295 -16.78 16.02 24.03
C LYS D 295 -17.21 15.06 25.15
N VAL D 296 -16.97 15.47 26.39
CA VAL D 296 -17.40 14.69 27.54
C VAL D 296 -18.17 15.69 28.38
N SER D 297 -19.42 15.38 28.67
CA SER D 297 -20.28 16.27 29.43
C SER D 297 -20.36 15.95 30.91
N VAL D 298 -20.32 17.00 31.71
CA VAL D 298 -20.43 16.85 33.15
C VAL D 298 -21.83 17.32 33.51
N ILE D 299 -22.68 16.39 33.92
CA ILE D 299 -24.03 16.76 34.31
C ILE D 299 -24.12 16.83 35.82
N ASP D 300 -24.57 17.97 36.32
CA ASP D 300 -24.76 18.21 37.74
C ASP D 300 -26.04 17.48 38.14
N ALA D 301 -25.92 16.37 38.87
CA ALA D 301 -27.09 15.60 39.26
C ALA D 301 -28.01 16.25 40.28
N LYS D 302 -27.73 17.48 40.67
CA LYS D 302 -28.60 18.16 41.62
C LYS D 302 -29.47 19.12 40.83
N SER D 303 -28.87 19.84 39.87
CA SER D 303 -29.60 20.79 39.04
C SER D 303 -30.01 20.25 37.67
N TYR D 304 -29.47 19.09 37.31
CA TYR D 304 -29.70 18.42 36.02
C TYR D 304 -29.27 19.33 34.89
N LYS D 305 -28.14 20.01 35.11
CA LYS D 305 -27.60 20.92 34.11
C LYS D 305 -26.13 20.61 33.77
N VAL D 306 -25.80 20.71 32.50
CA VAL D 306 -24.42 20.49 32.07
C VAL D 306 -23.60 21.67 32.60
N VAL D 307 -22.84 21.45 33.66
CA VAL D 307 -22.03 22.50 34.27
C VAL D 307 -20.61 22.62 33.71
N LYS D 308 -20.24 21.69 32.85
CA LYS D 308 -18.91 21.72 32.22
C LYS D 308 -18.79 20.69 31.14
N THR D 309 -18.04 21.04 30.10
CA THR D 309 -17.79 20.15 28.96
C THR D 309 -16.30 20.02 28.67
N PHE D 310 -15.77 18.81 28.84
CA PHE D 310 -14.36 18.55 28.55
C PHE D 310 -14.20 18.29 27.07
N ASP D 311 -13.30 19.02 26.42
CA ASP D 311 -13.07 18.83 25.00
C ASP D 311 -12.13 17.62 24.83
N THR D 312 -12.63 16.56 24.21
CA THR D 312 -11.83 15.35 24.06
C THR D 312 -11.94 14.67 22.69
N PRO D 313 -11.31 15.25 21.67
CA PRO D 313 -11.37 14.66 20.32
C PRO D 313 -10.31 13.55 20.21
N THR D 314 -10.44 12.65 19.24
CA THR D 314 -11.51 12.68 18.25
C THR D 314 -12.81 12.05 18.73
N HIS D 315 -12.74 10.79 19.13
CA HIS D 315 -13.93 10.08 19.57
C HIS D 315 -13.87 9.51 20.97
N PRO D 316 -14.37 10.24 21.97
CA PRO D 316 -14.32 9.70 23.32
C PRO D 316 -15.17 8.44 23.30
N ASN D 317 -14.72 7.42 24.04
CA ASN D 317 -15.42 6.15 24.06
C ASN D 317 -16.06 5.75 25.38
N SER D 318 -15.25 5.31 26.34
CA SER D 318 -15.78 4.88 27.63
C SER D 318 -15.29 5.72 28.80
N LEU D 319 -15.89 5.47 29.97
CA LEU D 319 -15.54 6.19 31.19
C LEU D 319 -15.16 5.25 32.35
N ALA D 320 -14.43 5.78 33.32
CA ALA D 320 -14.02 4.99 34.48
C ALA D 320 -13.73 5.98 35.59
N LEU D 321 -14.06 5.59 36.82
CA LEU D 321 -13.83 6.46 37.96
C LEU D 321 -12.94 5.82 39.00
N SER D 322 -12.09 6.64 39.60
CA SER D 322 -11.21 6.17 40.67
C SER D 322 -12.13 5.90 41.87
N ALA D 323 -11.80 4.91 42.68
CA ALA D 323 -12.63 4.54 43.85
C ALA D 323 -13.17 5.73 44.68
N ASP D 324 -12.41 6.81 44.76
CA ASP D 324 -12.85 7.95 45.54
C ASP D 324 -13.62 8.98 44.71
N GLY D 325 -13.92 8.64 43.46
CA GLY D 325 -14.64 9.54 42.59
C GLY D 325 -14.01 10.91 42.39
N LYS D 326 -12.71 11.00 42.62
CA LYS D 326 -11.99 12.26 42.47
C LYS D 326 -11.36 12.37 41.08
N THR D 327 -11.13 11.21 40.47
CA THR D 327 -10.49 11.14 39.16
C THR D 327 -11.35 10.46 38.13
N LEU D 328 -11.47 11.11 36.97
CA LEU D 328 -12.25 10.55 35.87
C LEU D 328 -11.27 10.08 34.78
N TYR D 329 -11.56 8.93 34.18
CA TYR D 329 -10.71 8.38 33.13
C TYR D 329 -11.54 8.20 31.87
N VAL D 330 -11.07 8.72 30.75
CA VAL D 330 -11.79 8.62 29.49
C VAL D 330 -10.93 7.94 28.43
N SER D 331 -11.48 6.98 27.70
CA SER D 331 -10.68 6.37 26.64
C SER D 331 -11.06 7.17 25.38
N VAL D 332 -10.08 7.49 24.56
CA VAL D 332 -10.35 8.29 23.37
C VAL D 332 -9.79 7.66 22.10
N LYS D 333 -10.70 7.35 21.17
CA LYS D 333 -10.33 6.72 19.92
C LYS D 333 -10.03 7.72 18.80
N GLN D 334 -9.02 7.37 17.98
CA GLN D 334 -8.58 8.15 16.84
C GLN D 334 -9.60 7.98 15.73
N LYS D 335 -9.69 8.96 14.84
CA LYS D 335 -10.59 8.84 13.70
C LYS D 335 -10.06 7.60 13.00
N SER D 336 -10.92 6.67 12.62
CA SER D 336 -10.42 5.47 11.97
C SER D 336 -11.48 4.65 11.24
N THR D 337 -11.53 4.84 9.92
CA THR D 337 -12.49 4.10 9.08
C THR D 337 -11.96 2.66 9.02
N LYS D 338 -12.85 1.69 8.78
CA LYS D 338 -12.41 0.29 8.75
C LYS D 338 -11.88 -0.10 7.37
N GLN D 339 -11.49 0.91 6.62
CA GLN D 339 -10.96 0.74 5.29
C GLN D 339 -9.72 1.65 5.26
N GLN D 340 -9.74 2.68 6.09
CA GLN D 340 -8.63 3.63 6.25
C GLN D 340 -8.33 3.75 7.75
N GLU D 341 -7.73 2.68 8.29
CA GLU D 341 -7.37 2.53 9.69
C GLU D 341 -6.45 3.62 10.23
N ALA D 342 -6.46 3.82 11.53
CA ALA D 342 -5.62 4.83 12.17
C ALA D 342 -4.23 4.26 12.41
N THR D 343 -3.23 5.10 12.12
CA THR D 343 -1.85 4.71 12.30
C THR D 343 -1.40 5.05 13.72
N GLN D 344 -2.21 5.85 14.40
CA GLN D 344 -1.91 6.26 15.77
C GLN D 344 -2.67 5.47 16.82
N PRO D 345 -2.07 5.28 18.00
CA PRO D 345 -2.74 4.53 19.05
C PRO D 345 -3.71 5.45 19.80
N ASP D 346 -4.76 4.86 20.36
CA ASP D 346 -5.74 5.63 21.10
C ASP D 346 -5.15 6.14 22.39
N ASP D 347 -5.85 7.06 23.04
CA ASP D 347 -5.33 7.63 24.28
C ASP D 347 -6.32 7.45 25.40
N VAL D 348 -5.80 7.58 26.62
CA VAL D 348 -6.63 7.55 27.80
C VAL D 348 -6.40 8.94 28.41
N ILE D 349 -7.48 9.65 28.72
CA ILE D 349 -7.36 10.97 29.31
C ILE D 349 -7.70 10.88 30.80
N ARG D 350 -6.75 11.21 31.66
CA ARG D 350 -6.97 11.21 33.11
C ARG D 350 -7.34 12.64 33.48
N ILE D 351 -8.52 12.83 34.04
CA ILE D 351 -8.98 14.16 34.43
C ILE D 351 -9.12 14.30 35.93
N ALA D 352 -8.52 15.35 36.47
CA ALA D 352 -8.56 15.63 37.89
C ALA D 352 -9.85 16.40 38.18
N LEU D 353 -10.91 15.69 38.58
CA LEU D 353 -12.20 16.34 38.86
C LEU D 353 -12.12 17.33 40.03
#